data_1BYJ
#
_entry.id   1BYJ
#
_cell.length_a   1.000
_cell.length_b   1.000
_cell.length_c   1.000
_cell.angle_alpha   90.00
_cell.angle_beta   90.00
_cell.angle_gamma   90.00
#
_symmetry.space_group_name_H-M   'P 1'
#
loop_
_entity.id
_entity.type
_entity.pdbx_description
1 polymer 'RNA (16S RNA)'
2 non-polymer 2,6-diamino-2,3,4,6-tetradeoxy-alpha-D-erythro-hexopyranose
3 non-polymer 3,5-DIAMINO-CYCLOHEXANOL
4 non-polymer 3-deoxy-4-C-methyl-3-(methylamino)-beta-L-arabinopyranose
#
_entity_poly.entity_id   1
_entity_poly.type   'polyribonucleotide'
_entity_poly.pdbx_seq_one_letter_code
;GGCGUCACACCUUCGGGUGAAGUCGCC
;
_entity_poly.pdbx_strand_id   A
#
loop_
_chem_comp.id
_chem_comp.type
_chem_comp.name
_chem_comp.formula
A RNA linking ADENOSINE-5'-MONOPHOSPHATE 'C10 H14 N5 O7 P'
C RNA linking CYTIDINE-5'-MONOPHOSPHATE 'C9 H14 N3 O8 P'
G RNA linking GUANOSINE-5'-MONOPHOSPHATE 'C10 H14 N5 O8 P'
GE1 D-saccharide, alpha linking 2,6-diamino-2,3,4,6-tetradeoxy-alpha-D-erythro-hexopyranose 'C6 H14 N2 O2'
GE2 non-polymer 3,5-DIAMINO-CYCLOHEXANOL 'C6 H14 N2 O'
GE3 L-saccharide, beta linking 3-deoxy-4-C-methyl-3-(methylamino)-beta-L-arabinopyranose 'C7 H15 N O4'
U RNA linking URIDINE-5'-MONOPHOSPHATE 'C9 H13 N2 O9 P'
#
# COMPACT_ATOMS: atom_id res chain seq x y z
C5 GE1 B . 4.71 2.66 -2.02
O GE1 B . 4.34 1.28 -1.72
C1 GE1 B . 3.14 1.09 -0.91
O1 GE1 B . 1.99 1.67 -1.59
C2 GE1 B . 3.37 1.78 0.47
N2 GE1 B . 2.20 1.63 1.37
C3 GE1 B . 3.73 3.27 0.27
C4 GE1 B . 4.90 3.46 -0.71
C6 GE1 B . 5.97 2.77 -2.91
N1 GE1 B . 6.07 1.72 -3.95
H5 GE1 B . 3.87 3.12 -2.60
H1 GE1 B . 2.99 0.00 -0.76
H2 GE1 B . 4.22 1.28 0.96
HN21 GE1 B . 2.02 0.64 1.54
HN22 GE1 B . 2.41 2.04 2.29
H31 GE1 B . 2.85 3.84 -0.08
H32 GE1 B . 3.99 3.74 1.25
H41 GE1 B . 5.05 4.54 -0.91
H42 GE1 B . 5.82 3.12 -0.21
H61 GE1 B . 6.88 2.73 -2.30
H62 GE1 B . 5.98 3.75 -3.40
HN11 GE1 B . 5.25 1.74 -4.56
HN12 GE1 B . 6.07 0.80 -3.52
C5 GE2 C . 0.32 1.56 -3.37
C GE2 C . -0.81 0.72 -4.01
C1 GE2 C . -1.84 0.29 -2.92
N1 GE2 C . -2.96 -0.46 -3.55
C2 GE2 C . -1.15 -0.53 -1.81
C3 GE2 C . 0.08 0.21 -1.21
O32 GE2 C . 0.76 -0.71 -0.37
C4 GE2 C . 1.07 0.77 -2.26
N6 GE2 C . 1.26 2.02 -4.41
H5 GE2 C . -0.16 2.46 -2.94
H1A GE2 C . -1.31 1.25 -4.83
H2 GE2 C . -0.37 -0.17 -4.49
H1 GE2 C . -2.28 1.20 -2.48
HN11 GE2 C . -3.43 0.12 -4.25
HN12 GE2 C . -3.66 -0.69 -2.85
H21 GE2 C . -0.79 -1.48 -2.26
H3 GE2 C . -0.29 1.05 -0.58
HOW GE2 C . 0.12 -1.01 0.28
H41 GE2 C . 1.62 -0.07 -2.73
HN61 GE2 C . 2.00 2.59 -3.98
HN62 GE2 C . 1.74 1.22 -4.83
C5 GE3 D . -0.92 -2.33 1.72
C4 GE3 D . -2.16 -2.39 2.64
O4 GE3 D . -2.47 -3.77 2.85
C3 GE3 D . -3.36 -1.66 1.91
C2 GE3 D . -3.60 -2.28 0.49
C1 GE3 D . -2.30 -2.18 -0.35
O1 GE3 D . -2.05 -0.79 -0.70
O5 GE3 D . -1.19 -2.79 0.37
O2 GE3 D . -4.66 -1.63 -0.21
N1 GE3 D . -4.62 -1.52 2.73
C31 GE3 D . -5.44 -2.73 2.99
C41 GE3 D . -1.79 -1.78 4.01
H51 GE3 D . -0.09 -2.93 2.13
H52 GE3 D . -0.53 -1.29 1.68
HO4 GE3 D . -3.24 -3.79 3.42
H3 GE3 D . -3.03 -0.61 1.76
H2 GE3 D . -3.85 -3.35 0.59
H1 GE3 D . -2.42 -2.73 -1.29
HO2 GE3 D . -5.44 -1.74 0.35
HN1 GE3 D . -5.21 -0.80 2.32
H311 GE3 D . -5.90 -3.10 2.05
H312 GE3 D . -4.86 -3.54 3.46
H313 GE3 D . -6.27 -2.48 3.68
H411 GE3 D . -1.51 -0.71 3.92
H412 GE3 D . -2.62 -1.84 4.72
H413 GE3 D . -0.94 -2.30 4.47
C5 GE1 B . 3.86 3.49 -0.08
O GE1 B . 3.52 2.07 -0.04
C1 GE1 B . 2.22 1.68 0.49
O1 GE1 B . 1.14 2.11 -0.41
C2 GE1 B . 2.04 2.27 1.91
N2 GE1 B . 0.74 1.93 2.53
C3 GE1 B . 2.22 3.81 1.87
C4 GE1 B . 3.59 4.19 1.28
C6 GE1 B . 5.35 3.65 -0.45
N1 GE1 B . 5.71 3.04 -1.73
H5 GE1 B . 3.24 3.98 -0.85
H1 GE1 B . 2.23 0.57 0.55
H2 GE1 B . 2.82 1.85 2.56
HN21 GE1 B . -0.03 2.29 1.94
HN22 GE1 B . 0.62 0.91 2.55
H31 GE1 B . 1.42 4.29 1.29
H32 GE1 B . 2.14 4.24 2.89
H41 GE1 B . 3.66 5.29 1.17
H42 GE1 B . 4.37 3.91 2.01
H61 GE1 B . 5.62 4.73 -0.47
H62 GE1 B . 5.97 3.20 0.34
HN11 GE1 B . 6.70 3.21 -1.93
HN12 GE1 B . 5.20 3.50 -2.49
C5 GE2 C . -0.42 1.81 -2.30
C GE2 C . -1.30 0.80 -3.08
C1 GE2 C . -2.30 0.10 -2.11
N1 GE2 C . -3.18 -0.80 -2.88
C2 GE2 C . -1.52 -0.66 -1.00
C3 GE2 C . -0.54 0.27 -0.25
O32 GE2 C . 0.21 -0.56 0.62
C4 GE2 C . 0.41 1.10 -1.18
N6 GE2 C . 0.46 2.54 -3.23
H5 GE2 C . -1.10 2.54 -1.84
H1A GE2 C . -1.83 1.29 -3.90
H2 GE2 C . -0.64 0.06 -3.57
H1 GE2 C . -2.94 0.86 -1.65
HN11 GE2 C . -3.84 -1.28 -2.26
HN12 GE2 C . -2.63 -1.55 -3.32
H21 GE2 C . -0.93 -1.47 -1.47
H3 GE2 C . -1.13 0.98 0.37
HOW GE2 C . 0.79 0.03 1.11
H41 GE2 C . 1.14 0.40 -1.65
HN61 GE2 C . -0.11 3.04 -3.92
HN62 GE2 C . 0.98 3.26 -2.73
C5 GE3 D . -1.22 -2.70 2.34
C4 GE3 D . -2.41 -3.31 3.11
O4 GE3 D . -2.25 -4.73 3.09
C3 GE3 D . -3.76 -2.88 2.41
C2 GE3 D . -3.74 -3.11 0.87
C1 GE3 D . -2.43 -2.63 0.19
O1 GE3 D . -2.45 -1.20 -0.02
O5 GE3 D . -1.27 -3.07 0.94
O2 GE3 D . -4.85 -2.48 0.23
N1 GE3 D . -4.91 -3.61 3.05
C31 GE3 D . -6.22 -2.94 3.01
C41 GE3 D . -2.32 -2.86 4.59
H51 GE3 D . -1.21 -1.59 2.44
H52 GE3 D . -0.26 -3.05 2.76
HO4 GE3 D . -2.99 -5.08 3.59
H3 GE3 D . -3.88 -1.79 2.58
H2 GE3 D . -3.84 -4.20 0.68
H1 GE3 D . -2.37 -3.12 -0.81
HO2 GE3 D . -4.79 -2.72 -0.70
HN1 GE3 D . -4.97 -4.57 2.69
H311 GE3 D . -6.18 -1.90 3.41
H312 GE3 D . -6.95 -3.50 3.62
H313 GE3 D . -6.63 -2.90 1.98
H411 GE3 D . -2.43 -1.76 4.71
H412 GE3 D . -1.36 -3.14 5.05
H413 GE3 D . -3.11 -3.32 5.21
C5 GE1 B . 3.75 4.07 -0.36
O GE1 B . 3.33 2.71 -0.07
C1 GE1 B . 2.00 2.47 0.50
O1 GE1 B . 0.95 2.72 -0.50
C2 GE1 B . 1.81 3.35 1.76
N2 GE1 B . 0.47 3.18 2.37
C3 GE1 B . 2.08 4.84 1.44
C4 GE1 B . 3.47 5.03 0.83
C6 GE1 B . 5.25 4.08 -0.70
N1 GE1 B . 5.63 3.22 -1.83
H5 GE1 B . 3.19 4.43 -1.24
H1 GE1 B . 2.00 1.42 0.79
H2 GE1 B . 2.55 3.02 2.52
HN21 GE1 B . 0.30 2.19 2.58
HN22 GE1 B . -0.26 3.45 1.69
H31 GE1 B . 1.99 5.46 2.35
H32 GE1 B . 1.31 5.23 0.74
H41 GE1 B . 3.60 6.07 0.51
H42 GE1 B . 4.22 4.86 1.63
H61 GE1 B . 5.59 5.11 -0.91
H62 GE1 B . 5.83 3.75 0.19
HN11 GE1 B . 6.64 3.24 -1.97
HN12 GE1 B . 5.40 2.25 -1.62
C5 GE2 C . -0.31 2.02 -2.52
C GE2 C . -0.97 0.82 -3.25
C1 GE2 C . -1.99 0.09 -2.33
N1 GE2 C . -2.61 -1.03 -3.07
C2 GE2 C . -1.31 -0.39 -1.02
C3 GE2 C . -0.68 0.83 -0.29
O32 GE2 C . -0.10 0.39 0.94
C4 GE2 C . 0.37 1.56 -1.18
N6 GE2 C . 0.67 2.67 -3.42
H5 GE2 C . -1.11 2.73 -2.31
H1A GE2 C . -1.46 1.16 -4.18
H2 GE2 C . -0.18 0.13 -3.57
H1 GE2 C . -2.81 0.80 -2.07
HN11 GE2 C . -3.28 -1.51 -2.46
HN12 GE2 C . -1.90 -1.73 -3.30
H21 GE2 C . -0.48 -1.08 -1.29
H3 GE2 C . -1.49 1.54 -0.02
HOW GE2 C . 0.59 -0.23 0.69
H41 GE2 C . 1.19 0.85 -1.43
HN61 GE2 C . 0.21 2.94 -4.30
HN62 GE2 C . 1.40 2.01 -3.70
C5 GE3 D . -0.45 -3.29 2.18
C4 GE3 D . -1.65 -3.63 3.12
O4 GE3 D . -1.65 -5.06 3.23
C3 GE3 D . -3.03 -3.09 2.58
C2 GE3 D . -3.09 -3.09 1.01
C1 GE3 D . -1.88 -2.36 0.36
O1 GE3 D . -2.26 -1.04 -0.14
O5 GE3 D . -0.76 -2.19 1.30
O2 GE3 D . -4.32 -2.55 0.53
N1 GE3 D . -4.17 -3.84 3.18
C31 GE3 D . -5.44 -3.11 3.38
C41 GE3 D . -1.36 -3.08 4.54
H51 GE3 D . 0.47 -3.06 2.73
H52 GE3 D . -0.17 -4.16 1.54
HO4 GE3 D . -1.82 -5.39 2.34
H3 GE3 D . -3.11 -2.02 2.88
H2 GE3 D . -3.06 -4.14 0.69
H1 GE3 D . -1.53 -2.97 -0.49
HO2 GE3 D . -4.33 -1.63 0.81
HN1 GE3 D . -4.33 -4.72 2.68
H311 GE3 D . -5.29 -2.19 3.98
H312 GE3 D . -5.92 -2.83 2.42
H313 GE3 D . -6.16 -3.75 3.92
H411 GE3 D . -2.16 -3.36 5.25
H412 GE3 D . -0.42 -3.49 4.96
H413 GE3 D . -1.28 -1.99 4.55
C5 GE1 B . 4.02 3.47 -0.71
O GE1 B . 3.65 2.05 -0.71
C1 GE1 B . 2.38 1.65 -0.10
O1 GE1 B . 1.25 2.07 -0.92
C2 GE1 B . 2.26 2.24 1.34
N2 GE1 B . 1.00 1.89 2.02
C3 GE1 B . 2.46 3.77 1.31
C4 GE1 B . 3.81 4.13 0.68
C6 GE1 B . 5.51 3.61 -1.09
N1 GE1 B . 5.82 3.26 -2.48
H5 GE1 B . 3.38 3.98 -1.45
H1 GE1 B . 2.41 0.55 -0.05
H2 GE1 B . 3.09 1.80 1.94
HN21 GE1 B . 0.21 2.25 1.48
HN22 GE1 B . 0.88 0.88 2.04
H31 GE1 B . 2.41 4.20 2.32
H32 GE1 B . 1.64 4.26 0.73
H41 GE1 B . 3.90 5.23 0.59
H42 GE1 B . 4.60 3.82 1.38
H61 GE1 B . 5.87 4.64 -0.92
H62 GE1 B . 6.12 2.98 -0.42
HN11 GE1 B . 6.82 3.41 -2.66
HN12 GE1 B . 5.32 3.89 -3.12
C5 GE2 C . -0.53 1.77 -2.61
C GE2 C . -1.44 0.74 -3.34
C1 GE2 C . -2.31 -0.01 -2.31
N1 GE2 C . -3.24 -0.93 -3.00
C2 GE2 C . -1.42 -0.75 -1.28
C3 GE2 C . -0.39 0.18 -0.61
O32 GE2 C . 0.46 -0.65 0.16
C4 GE2 C . 0.44 1.05 -1.61
N6 GE2 C . 0.19 2.59 -3.61
H5 GE2 C . -1.19 2.46 -2.05
H1A GE2 C . -2.06 1.22 -4.11
H2 GE2 C . -0.80 0.04 -3.89
H1 GE2 C . -2.94 0.73 -1.76
HN11 GE2 C . -3.81 -1.44 -2.32
HN12 GE2 C . -2.70 -1.64 -3.50
H21 GE2 C . -0.85 -1.55 -1.82
H3 GE2 C . -0.93 0.86 0.08
HOW GE2 C . 1.08 -0.06 0.61
H41 GE2 C . 1.12 0.40 -2.18
HN61 GE2 C . 0.78 1.99 -4.19
HN62 GE2 C . -0.48 3.02 -4.25
C5 GE3 D . -0.78 -2.93 1.94
C4 GE3 D . -1.92 -3.53 2.81
O4 GE3 D . -1.78 -4.94 2.75
C3 GE3 D . -3.31 -3.07 2.25
C2 GE3 D . -3.45 -3.26 0.71
C1 GE3 D . -2.21 -2.77 -0.08
O1 GE3 D . -2.23 -1.33 -0.21
O5 GE3 D . -0.97 -3.25 0.53
O2 GE3 D . -4.60 -2.60 0.19
N1 GE3 D . -4.41 -3.80 2.97
C31 GE3 D . -5.71 -3.10 3.08
C41 GE3 D . -1.67 -3.10 4.29
H51 GE3 D . 0.20 -3.32 2.26
H52 GE3 D . -0.72 -1.84 2.07
HO4 GE3 D . -2.47 -5.30 3.32
H3 GE3 D . -3.40 -1.98 2.46
H2 GE3 D . -3.57 -4.34 0.50
H1 GE3 D . -2.24 -3.21 -1.09
HO2 GE3 D . -5.35 -2.98 0.67
HN1 GE3 D . -4.08 -4.03 3.92
H311 GE3 D . -6.41 -3.69 3.69
H312 GE3 D . -6.19 -2.95 2.10
H313 GE3 D . -5.60 -2.11 3.57
H411 GE3 D . -1.74 -2.01 4.42
H412 GE3 D . -0.68 -3.41 4.65
H413 GE3 D . -2.42 -3.56 4.97
C5 GE1 B . 3.99 3.85 -0.44
O GE1 B . 3.72 2.41 -0.38
C1 GE1 B . 2.43 1.98 0.16
O1 GE1 B . 1.32 2.36 -0.70
C2 GE1 B . 2.26 2.58 1.60
N2 GE1 B . 0.99 2.19 2.24
C3 GE1 B . 2.39 4.12 1.54
C4 GE1 B . 3.72 4.54 0.91
C6 GE1 B . 5.47 4.07 -0.84
N1 GE1 B . 5.83 3.46 -2.13
H5 GE1 B . 3.34 4.30 -1.21
H1 GE1 B . 2.49 0.87 0.23
H2 GE1 B . 3.08 2.19 2.23
HN21 GE1 B . 0.91 1.17 2.28
HN22 GE1 B . 0.19 2.51 1.67
H31 GE1 B . 2.31 4.55 2.56
H32 GE1 B . 1.55 4.57 0.96
H41 GE1 B . 4.53 4.30 1.63
H42 GE1 B . 3.75 5.65 0.80
H61 GE1 B . 5.69 5.15 -0.89
H62 GE1 B . 6.13 3.65 -0.06
HN11 GE1 B . 5.28 3.88 -2.89
HN12 GE1 B . 6.82 3.66 -2.35
C5 GE2 C . -0.28 1.99 -2.53
C GE2 C . -1.18 0.95 -3.26
C1 GE2 C . -2.11 0.23 -2.25
N1 GE2 C . -3.01 -0.68 -2.96
C2 GE2 C . -1.28 -0.50 -1.15
C3 GE2 C . -0.29 0.47 -0.46
O32 GE2 C . 0.54 -0.34 0.38
C4 GE2 C . 0.60 1.32 -1.43
N6 GE2 C . 0.53 2.73 -3.51
H5 GE2 C . -0.97 2.71 -2.06
H1A GE2 C . -1.76 1.41 -4.07
H2 GE2 C . -0.52 0.23 -3.76
H1 GE2 C . -2.75 1.00 -1.75
HN11 GE2 C . -3.63 -1.16 -2.30
HN12 GE2 C . -2.47 -1.43 -3.42
H21 GE2 C . -0.68 -1.29 -1.66
H3 GE2 C . -0.87 1.16 0.19
HOW GE2 C . 1.01 -0.93 -0.21
H41 GE2 C . 1.33 0.65 -1.92
HN61 GE2 C . -0.08 3.15 -4.22
HN62 GE2 C . 1.14 2.08 -4.01
C5 GE3 D . -0.76 -2.48 2.19
C4 GE3 D . -1.89 -3.10 3.03
O4 GE3 D . -1.68 -4.52 3.02
C3 GE3 D . -3.28 -2.73 2.39
C2 GE3 D . -3.33 -2.98 0.84
C1 GE3 D . -2.08 -2.48 0.10
O1 GE3 D . -2.15 -1.05 -0.12
O5 GE3 D . -0.86 -2.86 0.80
O2 GE3 D . -4.49 -2.39 0.26
N1 GE3 D . -4.37 -3.50 3.08
C31 GE3 D . -5.72 -2.88 3.09
C41 GE3 D . -1.75 -2.63 4.49
H51 GE3 D . -0.78 -1.37 2.28
H52 GE3 D . 0.24 -2.78 2.58
HO4 GE3 D . -0.81 -4.66 3.40
H3 GE3 D . -3.44 -1.65 2.55
H2 GE3 D . -3.41 -4.07 0.67
H1 GE3 D . -2.05 -2.96 -0.90
HO2 GE3 D . -4.41 -1.44 0.41
HN1 GE3 D . -4.42 -4.46 2.74
H311 GE3 D . -6.17 -2.88 2.08
H312 GE3 D . -6.39 -3.45 3.75
H313 GE3 D . -5.69 -1.84 3.46
H411 GE3 D . -1.88 -1.54 4.60
H412 GE3 D . -2.49 -3.12 5.16
H413 GE3 D . -0.75 -2.88 4.91
C5 GE1 B . 4.26 2.61 -0.64
O GE1 B . 3.69 1.30 -0.43
C1 GE1 B . 2.53 1.18 0.44
O1 GE1 B . 1.36 1.79 -0.19
C2 GE1 B . 2.83 1.82 1.83
N2 GE1 B . 1.65 1.80 2.72
C3 GE1 B . 3.39 3.26 1.68
C4 GE1 B . 4.59 3.29 0.73
C6 GE1 B . 5.48 2.42 -1.55
N1 GE1 B . 6.08 3.68 -2.03
H5 GE1 B . 3.52 3.24 -1.17
H1 GE1 B . 2.37 0.10 0.60
H2 GE1 B . 3.62 1.21 2.32
HN21 GE1 B . 1.30 0.84 2.83
HN22 GE1 B . 0.88 2.33 2.30
H31 GE1 B . 3.68 3.67 2.66
H32 GE1 B . 2.60 3.94 1.30
H41 GE1 B . 4.93 4.33 0.57
H42 GE1 B . 5.45 2.77 1.21
H61 GE1 B . 5.22 1.80 -2.41
H62 GE1 B . 6.24 1.84 -1.00
HN11 GE1 B . 6.35 4.26 -1.23
HN12 GE1 B . 5.38 4.22 -2.54
C5 GE2 C . -0.22 1.73 -2.11
C GE2 C . -1.17 0.82 -2.93
C1 GE2 C . -2.23 0.14 -2.01
N1 GE2 C . -3.13 -0.69 -2.82
C2 GE2 C . -1.53 -0.68 -0.88
C3 GE2 C . -0.52 0.18 -0.09
O32 GE2 C . 0.16 -0.65 0.83
C4 GE2 C . 0.52 0.92 -1.00
N6 GE2 C . 0.73 2.44 -2.99
H5 GE2 C . -0.86 2.49 -1.63
H1A GE2 C . -1.67 1.40 -3.73
H2 GE2 C . -0.57 0.08 -3.49
H1 GE2 C . -2.83 0.94 -1.54
HN11 GE2 C . -2.61 -1.46 -3.26
HN12 GE2 C . -3.83 -1.13 -2.21
H21 GE2 C . -0.97 -1.52 -1.34
H3 GE2 C . -1.08 0.95 0.49
HOW GE2 C . 0.62 -1.30 0.30
H41 GE2 C . 1.15 0.15 -1.50
HN61 GE2 C . 0.22 3.01 -3.67
HN62 GE2 C . 1.30 3.09 -2.44
C5 GE3 D . -1.40 -2.77 2.41
C4 GE3 D . -2.63 -3.31 3.19
O4 GE3 D . -2.54 -4.73 3.18
C3 GE3 D . -3.95 -2.82 2.48
C2 GE3 D . -3.94 -3.01 0.93
C1 GE3 D . -2.61 -2.62 0.26
O1 GE3 D . -2.52 -1.17 0.07
O5 GE3 D . -1.47 -3.12 1.01
O2 GE3 D . -5.00 -2.29 0.30
N1 GE3 D . -5.13 -3.51 3.11
C31 GE3 D . -6.44 -2.84 2.99
C41 GE3 D . -2.52 -2.85 4.66
H51 GE3 D . -1.34 -1.68 2.52
H52 GE3 D . -0.47 -3.17 2.84
HO4 GE3 D . -2.56 -4.99 2.26
H3 GE3 D . -4.03 -1.73 2.67
H2 GE3 D . -4.11 -4.09 0.71
H1 GE3 D . -2.57 -3.08 -0.74
HO2 GE3 D . -4.83 -1.37 0.49
HN1 GE3 D . -5.18 -4.48 2.78
H311 GE3 D . -6.83 -2.88 1.95
H312 GE3 D . -6.39 -1.79 3.31
H313 GE3 D . -7.18 -3.36 3.63
H411 GE3 D . -3.33 -3.27 5.28
H412 GE3 D . -2.58 -1.75 4.76
H413 GE3 D . -1.58 -3.18 5.13
C5 GE1 B . 4.45 2.84 -1.47
O GE1 B . 4.25 1.39 -1.43
C1 GE1 B . 3.09 0.91 -0.69
O1 GE1 B . 1.86 1.47 -1.26
C2 GE1 B . 3.23 1.36 0.80
N2 GE1 B . 2.12 0.91 1.66
C3 GE1 B . 3.40 2.90 0.88
C4 GE1 B . 4.54 3.41 -0.03
C6 GE1 B . 5.69 3.22 -2.27
N1 GE1 B . 5.77 2.58 -3.59
H5 GE1 B . 3.58 3.30 -1.98
H1 GE1 B . 3.07 -0.19 -0.74
H2 GE1 B . 4.15 0.89 1.20
HN21 GE1 B . 2.06 -0.11 1.65
HN22 GE1 B . 2.30 1.17 2.63
H31 GE1 B . 2.46 3.40 0.60
H32 GE1 B . 3.61 3.21 1.93
H41 GE1 B . 4.55 4.52 -0.04
H42 GE1 B . 5.50 3.11 0.43
H61 GE1 B . 6.61 3.00 -1.71
H62 GE1 B . 5.71 4.32 -2.42
HN11 GE1 B . 5.83 1.55 -3.48
HN12 GE1 B . 6.63 2.85 -4.08
C5 GE2 C . 0.11 1.45 -2.98
C GE2 C . -0.97 0.59 -3.68
C1 GE2 C . -1.92 -0.06 -2.63
N1 GE2 C . -2.99 -0.80 -3.30
C2 GE2 C . -1.11 -0.96 -1.64
C3 GE2 C . 0.09 -0.21 -1.01
O32 GE2 C . 0.90 -1.18 -0.35
C4 GE2 C . 0.98 0.58 -2.01
N6 GE2 C . 0.94 2.14 -3.98
H5 GE2 C . -0.42 2.22 -2.40
H1A GE2 C . -1.56 1.17 -4.41
H2 GE2 C . -0.48 -0.19 -4.30
H1 GE2 C . -2.39 0.76 -2.04
HN11 GE2 C . -2.59 -1.55 -3.88
HN12 GE2 C . -3.50 -0.20 -3.95
H21 GE2 C . -0.72 -1.82 -2.22
H3 GE2 C . -0.30 0.49 -0.25
HOW GE2 C . 1.62 -0.70 0.07
H41 GE2 C . 1.58 -0.13 -2.62
HN61 GE2 C . 1.43 1.45 -4.57
HN62 GE2 C . 0.36 2.69 -4.61
C5 GE3 D . -0.65 -2.89 1.74
C4 GE3 D . -1.82 -3.38 2.64
O4 GE3 D . -1.74 -4.81 2.68
C3 GE3 D . -3.20 -2.90 2.04
C2 GE3 D . -3.32 -3.16 0.50
C1 GE3 D . -2.05 -2.82 -0.30
O1 GE3 D . -1.96 -1.39 -0.55
O5 GE3 D . -0.86 -3.32 0.37
O2 GE3 D . -4.43 -2.44 -0.06
N1 GE3 D . -4.31 -3.56 2.80
C31 GE3 D . -5.63 -2.89 2.75
C41 GE3 D . -1.57 -2.87 4.09
H51 GE3 D . 0.31 -3.28 2.10
H52 GE3 D . -0.57 -1.79 1.78
HO4 GE3 D . -0.87 -5.02 3.02
H3 GE3 D . -3.26 -1.81 2.19
H2 GE3 D . -3.53 -4.23 0.34
H1 GE3 D . -2.10 -3.32 -1.28
HO2 GE3 D . -5.20 -2.73 0.42
HN1 GE3 D . -4.03 -3.66 3.78
H311 GE3 D . -5.56 -1.83 3.05
H312 GE3 D . -6.08 -2.95 1.75
H313 GE3 D . -6.32 -3.39 3.45
H411 GE3 D . -1.60 -1.77 4.15
H412 GE3 D . -2.33 -3.26 4.79
H413 GE3 D . -0.59 -3.20 4.47
C5 GE1 B . 3.92 3.62 -0.25
O GE1 B . 3.61 2.18 -0.22
C1 GE1 B . 2.32 1.76 0.32
O1 GE1 B . 1.24 2.17 -0.56
C2 GE1 B . 2.15 2.32 1.75
N2 GE1 B . 0.87 1.95 2.38
C3 GE1 B . 2.30 3.87 1.73
C4 GE1 B . 3.65 4.28 1.13
C6 GE1 B . 5.39 3.82 -0.63
N1 GE1 B . 5.76 3.24 -1.93
H5 GE1 B . 3.28 4.09 -1.00
H1 GE1 B . 2.37 0.64 0.37
H2 GE1 B . 2.96 1.91 2.38
HN21 GE1 B . 0.84 2.30 3.35
HN22 GE1 B . 0.81 0.92 2.46
H31 GE1 B . 1.48 4.34 1.16
H32 GE1 B . 2.22 4.28 2.76
H41 GE1 B . 3.70 5.38 1.03
H42 GE1 B . 4.45 4.02 1.84
H61 GE1 B . 5.64 4.90 -0.65
H62 GE1 B . 6.04 3.38 0.15
HN11 GE1 B . 6.74 3.43 -2.14
HN12 GE1 B . 5.22 3.68 -2.69
C5 GE2 C . -0.36 1.86 -2.40
C GE2 C . -1.26 0.85 -3.16
C1 GE2 C . -2.23 0.13 -2.18
N1 GE2 C . -3.12 -0.77 -2.93
C2 GE2 C . -1.41 -0.63 -1.09
C3 GE2 C . -0.41 0.30 -0.37
O32 GE2 C . 0.39 -0.53 0.46
C4 GE2 C . 0.50 1.16 -1.31
N6 GE2 C . 0.47 2.61 -3.36
H5 GE2 C . -1.04 2.58 -1.93
H1A GE2 C . -1.82 1.34 -3.97
H2 GE2 C . -0.61 0.13 -3.69
H1 GE2 C . -2.86 0.89 -1.68
HN11 GE2 C . -3.68 -0.23 -3.60
HN12 GE2 C . -3.80 -1.20 -2.29
H21 GE2 C . -0.83 -1.44 -1.58
H3 GE2 C . -0.98 0.99 0.29
HOW GE2 C . 0.97 0.05 0.95
H41 GE2 C . 1.23 0.48 -1.81
HN61 GE2 C . 1.06 3.29 -2.86
HN62 GE2 C . 1.13 1.97 -3.83
C5 GE3 D . -0.99 -2.70 2.22
C4 GE3 D . -2.18 -3.27 3.04
O4 GE3 D . -2.04 -4.69 3.04
C3 GE3 D . -3.54 -2.84 2.38
C2 GE3 D . -3.58 -3.07 0.84
C1 GE3 D . -2.29 -2.61 0.11
O1 GE3 D . -2.30 -1.17 -0.07
O5 GE3 D . -1.10 -3.06 0.82
O2 GE3 D . -4.70 -2.43 0.23
N1 GE3 D . -4.67 -3.55 3.07
C31 GE3 D . -5.98 -2.86 3.06
C41 GE3 D . -2.02 -2.80 4.52
H51 GE3 D . -0.03 -3.08 2.61
H52 GE3 D . -0.94 -1.61 2.32
HO4 GE3 D . -1.17 -4.87 3.43
H3 GE3 D . -3.65 -1.75 2.56
H2 GE3 D . -3.69 -4.15 0.65
H1 GE3 D . -2.26 -3.07 -0.88
HO2 GE3 D . -4.58 -1.49 0.39
HN1 GE3 D . -4.41 -3.73 4.04
H311 GE3 D . -6.40 -2.78 2.04
H312 GE3 D . -6.71 -3.43 3.66
H313 GE3 D . -5.91 -1.85 3.49
H411 GE3 D . -1.05 -3.10 4.94
H412 GE3 D . -2.81 -3.25 5.17
H413 GE3 D . -2.11 -1.71 4.61
C5 GE1 B . 4.44 2.90 -1.45
O GE1 B . 4.25 1.44 -1.42
C1 GE1 B . 3.09 0.96 -0.67
O1 GE1 B . 1.86 1.50 -1.25
C2 GE1 B . 3.24 1.40 0.81
N2 GE1 B . 2.12 0.96 1.66
C3 GE1 B . 3.40 2.95 0.90
C4 GE1 B . 4.53 3.46 -0.01
C6 GE1 B . 5.70 3.29 -2.26
N1 GE1 B . 5.76 2.63 -3.57
H5 GE1 B . 3.58 3.35 -1.97
H1 GE1 B . 3.09 -0.15 -0.73
H2 GE1 B . 4.16 0.95 1.21
HN21 GE1 B . 1.25 1.39 1.36
HN22 GE1 B . 2.27 1.27 2.63
H31 GE1 B . 2.45 3.45 0.61
H32 GE1 B . 3.60 3.26 1.94
H41 GE1 B . 4.54 4.57 -0.03
H42 GE1 B . 5.49 3.16 0.44
H61 GE1 B . 6.61 3.05 -1.71
H62 GE1 B . 5.70 4.37 -2.41
HN11 GE1 B . 6.63 2.91 -4.06
HN12 GE1 B . 5.83 1.62 -3.46
C5 GE2 C . 0.11 1.46 -2.97
C GE2 C . -0.97 0.59 -3.66
C1 GE2 C . -1.91 -0.05 -2.60
N1 GE2 C . -2.98 -0.81 -3.26
C2 GE2 C . -1.09 -0.94 -1.62
C3 GE2 C . 0.11 -0.20 -0.99
O32 GE2 C . 0.92 -1.16 -0.34
C4 GE2 C . 0.99 0.61 -2.00
N6 GE2 C . 0.94 2.16 -3.97
H5 GE2 C . -0.42 2.24 -2.39
H1A GE2 C . -1.55 1.18 -4.39
H2 GE2 C . -0.48 -0.17 -4.28
H1 GE2 C . -2.39 0.76 -2.02
HN11 GE2 C . -3.53 -0.18 -3.86
HN12 GE2 C . -3.63 -1.19 -2.57
H21 GE2 C . -0.69 -1.81 -2.20
H3 GE2 C . -0.28 0.51 -0.24
HOW GE2 C . 0.36 -1.60 0.30
H41 GE2 C . 1.60 -0.10 -2.60
HN61 GE2 C . 1.41 1.47 -4.56
HN62 GE2 C . 0.35 2.71 -4.59
C5 GE3 D . -0.60 -2.88 1.76
C4 GE3 D . -1.74 -3.38 2.67
O4 GE3 D . -1.65 -4.81 2.69
C3 GE3 D . -3.13 -2.92 2.09
C2 GE3 D . -3.27 -3.18 0.54
C1 GE3 D . -2.00 -2.81 -0.26
O1 GE3 D . -1.94 -1.38 -0.52
O5 GE3 D . -0.81 -3.30 0.40
O2 GE3 D . -4.38 -2.46 -0.01
N1 GE3 D . -4.23 -3.59 2.84
C31 GE3 D . -5.56 -2.93 2.82
C41 GE3 D . -1.49 -2.89 4.11
H51 GE3 D . -0.52 -1.77 1.81
H52 GE3 D . 0.37 -3.26 2.11
HO4 GE3 D . -0.78 -5.01 3.03
H3 GE3 D . -3.20 -1.82 2.24
H2 GE3 D . -3.47 -4.24 0.38
H1 GE3 D . -2.05 -3.32 -1.25
HO2 GE3 D . -4.18 -1.53 0.13
HN1 GE3 D . -3.94 -3.71 3.81
H311 GE3 D . -6.24 -3.44 3.51
H312 GE3 D . -5.48 -1.87 3.15
H313 GE3 D . -6.01 -2.95 1.82
H411 GE3 D . -2.24 -3.28 4.82
H412 GE3 D . -1.54 -1.78 4.19
H413 GE3 D . -0.50 -3.21 4.49
C5 GE1 B . 4.63 3.99 -2.02
O GE1 B . 4.52 2.54 -1.82
C1 GE1 B . 3.39 2.05 -1.05
O1 GE1 B . 2.14 2.38 -1.73
C2 GE1 B . 3.42 2.70 0.37
N2 GE1 B . 2.32 2.26 1.24
C3 GE1 B . 3.44 4.24 0.26
C4 GE1 B . 4.58 4.73 -0.66
C6 GE1 B . 5.94 4.35 -2.76
N1 GE1 B . 6.14 3.61 -4.00
H5 GE1 B . 3.79 4.31 -2.66
H1 GE1 B . 3.48 0.95 -0.97
H2 GE1 B . 4.36 2.37 0.86
HN21 GE1 B . 2.30 1.24 1.31
HN22 GE1 B . 1.41 2.52 0.82
H31 GE1 B . 2.47 4.61 -0.13
H32 GE1 B . 3.56 4.70 1.26
H41 GE1 B . 5.53 4.59 -0.12
H42 GE1 B . 4.49 5.82 -0.82
H61 GE1 B . 5.94 5.43 -2.98
H62 GE1 B . 6.80 4.18 -2.10
HN11 GE1 B . 7.04 3.87 -4.43
HN12 GE1 B . 6.21 2.60 -3.81
C5 GE2 C . 0.33 1.96 -3.32
C GE2 C . -0.68 0.91 -3.85
C1 GE2 C . -1.50 0.30 -2.67
N1 GE2 C . -2.52 -0.63 -3.20
C2 GE2 C . -0.55 -0.41 -1.66
C3 GE2 C . 0.57 0.55 -1.18
O32 GE2 C . 1.51 -0.24 -0.45
C4 GE2 C . 1.33 1.32 -2.31
N6 GE2 C . 1.04 2.60 -4.44
H5 GE2 C . -0.26 2.73 -2.81
H1A GE2 C . -1.35 1.33 -4.61
H2 GE2 C . -0.13 0.12 -4.39
H1 GE2 C . -2.03 1.12 -2.15
HN11 GE2 C . -3.06 -1.04 -2.43
HN12 GE2 C . -2.06 -1.43 -3.67
H21 GE2 C . -0.07 -1.26 -2.18
H3 GE2 C . 0.12 1.29 -0.49
HOW GE2 C . 1.86 -0.88 -1.07
H41 GE2 C . 1.98 0.60 -2.85
HN61 GE2 C . 0.38 3.07 -5.06
HN62 GE2 C . 1.66 3.34 -4.09
C5 GE3 D . 0.34 -2.00 1.81
C4 GE3 D . -0.67 -2.56 2.83
O4 GE3 D . -0.40 -3.96 2.96
C3 GE3 D . -2.14 -2.31 2.30
C2 GE3 D . -2.34 -2.70 0.80
C1 GE3 D . -1.17 -2.25 -0.12
O1 GE3 D . -1.29 -0.85 -0.49
O5 GE3 D . 0.12 -2.56 0.49
O2 GE3 D . -3.55 -2.17 0.27
N1 GE3 D . -3.10 -3.06 3.19
C31 GE3 D . -4.51 -2.62 3.16
C41 GE3 D . -0.40 -1.90 4.21
H51 GE3 D . 1.38 -2.24 2.12
H52 GE3 D . 0.30 -0.89 1.76
HO4 GE3 D . -0.54 -4.33 2.09
H3 GE3 D . -2.34 -1.23 2.39
H2 GE3 D . -2.41 -3.80 0.73
H1 GE3 D . -1.22 -2.84 -1.05
HO2 GE3 D . -4.25 -2.51 0.84
HN1 GE3 D . -2.76 -3.01 4.15
H311 GE3 D . -4.61 -1.54 3.32
H312 GE3 D . -5.00 -2.88 2.20
H313 GE3 D . -5.08 -3.14 3.96
H411 GE3 D . 0.64 -2.07 4.55
H412 GE3 D . -1.06 -2.33 5.00
H413 GE3 D . -0.57 -0.81 4.20
C5 GE1 B . 3.88 3.53 -0.18
O GE1 B . 3.57 2.10 -0.16
C1 GE1 B . 2.28 1.67 0.37
O1 GE1 B . 1.18 2.09 -0.49
C2 GE1 B . 2.10 2.23 1.82
N2 GE1 B . 0.82 1.85 2.43
C3 GE1 B . 2.26 3.77 1.81
C4 GE1 B . 3.61 4.19 1.21
C6 GE1 B . 5.36 3.73 -0.55
N1 GE1 B . 5.72 3.15 -1.86
H5 GE1 B . 3.24 4.01 -0.93
H1 GE1 B . 2.31 0.56 0.40
H2 GE1 B . 2.91 1.80 2.44
HN21 GE1 B . 0.04 2.26 1.91
HN22 GE1 B . 0.76 2.25 3.38
H31 GE1 B . 1.44 4.25 1.24
H32 GE1 B . 2.18 4.17 2.84
H41 GE1 B . 4.41 3.91 1.92
H42 GE1 B . 3.66 5.29 1.11
H61 GE1 B . 5.99 3.28 0.22
H62 GE1 B . 5.60 4.81 -0.57
HN11 GE1 B . 5.51 2.15 -1.87
HN12 GE1 B . 5.14 3.55 -2.60
C5 GE2 C . -0.41 1.80 -2.35
C GE2 C . -1.31 0.80 -3.13
C1 GE2 C . -2.27 0.08 -2.15
N1 GE2 C . -3.17 -0.81 -2.90
C2 GE2 C . -1.47 -0.69 -1.06
C3 GE2 C . -0.46 0.23 -0.33
O32 GE2 C . 0.33 -0.62 0.49
C4 GE2 C . 0.45 1.09 -1.27
N6 GE2 C . 0.43 2.57 -3.30
H5 GE2 C . -1.09 2.52 -1.86
H1A GE2 C . -1.86 1.31 -3.93
H2 GE2 C . -0.65 0.08 -3.65
H1 GE2 C . -2.90 0.84 -1.65
HN11 GE2 C . -2.63 -1.51 -3.42
HN12 GE2 C . -3.68 -0.27 -3.61
H21 GE2 C . -0.88 -1.49 -1.57
H3 GE2 C . -1.03 0.91 0.33
HOW GE2 C . 0.92 -0.04 0.97
H41 GE2 C . 1.17 0.42 -1.77
HN61 GE2 C . 1.09 1.93 -3.77
HN62 GE2 C . 1.02 3.24 -2.79
C5 GE3 D . -1.05 -2.80 2.23
C4 GE3 D . -2.24 -3.38 3.05
O4 GE3 D . -2.10 -4.80 3.02
C3 GE3 D . -3.60 -2.93 2.39
C2 GE3 D . -3.64 -3.15 0.84
C1 GE3 D . -2.34 -2.68 0.12
O1 GE3 D . -2.36 -1.24 -0.06
O5 GE3 D . -1.16 -3.15 0.82
O2 GE3 D . -4.76 -2.50 0.25
N1 GE3 D . -4.73 -3.63 3.05
C31 GE3 D . -6.03 -2.94 3.08
C41 GE3 D . -2.08 -2.92 4.51
H51 GE3 D . -0.09 -3.19 2.61
H52 GE3 D . -1.00 -1.70 2.34
HO4 GE3 D . -2.83 -5.14 3.54
H3 GE3 D . -3.70 -1.84 2.57
H2 GE3 D . -3.75 -4.22 0.64
H1 GE3 D . -2.32 -3.14 -0.88
HO2 GE3 D . -4.63 -1.56 0.41
HN1 GE3 D . -4.47 -3.85 4.03
H311 GE3 D . -6.46 -2.83 2.06
H312 GE3 D . -6.77 -3.52 3.66
H313 GE3 D . -5.96 -1.94 3.52
H411 GE3 D . -2.86 -3.37 5.16
H412 GE3 D . -2.15 -1.82 4.62
H413 GE3 D . -1.11 -3.23 4.94
C5 GE1 B . 3.87 3.50 -0.16
O GE1 B . 3.55 2.07 -0.13
C1 GE1 B . 2.26 1.64 0.39
O1 GE1 B . 1.16 2.07 -0.48
C2 GE1 B . 2.08 2.22 1.84
N2 GE1 B . 0.79 1.84 2.45
C3 GE1 B . 2.24 3.75 1.82
C4 GE1 B . 3.59 4.16 1.23
C6 GE1 B . 5.34 3.70 -0.53
N1 GE1 B . 5.70 3.11 -1.83
H5 GE1 B . 3.23 3.98 -0.91
H1 GE1 B . 2.28 0.54 0.43
H2 GE1 B . 2.88 1.78 2.46
HN21 GE1 B . 0.73 2.23 3.40
HN22 GE1 B . 0.02 2.24 1.93
H31 GE1 B . 2.16 4.16 2.84
H32 GE1 B . 1.42 4.22 1.26
H41 GE1 B . 3.64 5.27 1.14
H42 GE1 B . 4.38 3.89 1.94
H61 GE1 B . 5.59 4.78 -0.55
H62 GE1 B . 5.98 3.24 0.24
HN11 GE1 B . 5.56 2.10 -1.82
HN12 GE1 B . 6.71 3.24 -2.01
C5 GE2 C . -0.42 1.79 -2.33
C GE2 C . -1.32 0.79 -3.12
C1 GE2 C . -2.28 0.07 -2.14
N1 GE2 C . -3.18 -0.82 -2.90
C2 GE2 C . -1.48 -0.71 -1.06
C3 GE2 C . -0.48 0.21 -0.31
O32 GE2 C . 0.30 -0.63 0.51
C4 GE2 C . 0.43 1.07 -1.25
N6 GE2 C . 0.42 2.55 -3.28
H5 GE2 C . -1.10 2.51 -1.86
H1A GE2 C . -1.88 1.29 -3.92
H2 GE2 C . -0.67 0.07 -3.64
H1 GE2 C . -2.92 0.83 -1.65
HN11 GE2 C . -3.87 -1.25 -2.27
HN12 GE2 C . -3.74 -0.27 -3.58
H21 GE2 C . -0.90 -1.51 -1.56
H3 GE2 C . -1.05 0.90 0.34
HOW GE2 C . 0.89 -0.05 0.99
H41 GE2 C . 1.16 0.40 -1.75
HN61 GE2 C . -0.16 3.06 -3.95
HN62 GE2 C . 0.96 3.26 -2.77
C5 GE3 D . -1.10 -2.81 2.24
C4 GE3 D . -2.28 -3.39 3.05
O4 GE3 D . -2.16 -4.81 3.03
C3 GE3 D . -3.64 -2.93 2.39
C2 GE3 D . -3.68 -3.16 0.84
C1 GE3 D . -2.38 -2.69 0.12
O1 GE3 D . -2.39 -1.24 -0.04
O5 GE3 D . -1.20 -3.16 0.83
O2 GE3 D . -4.79 -2.50 0.24
N1 GE3 D . -4.79 -3.64 3.05
C31 GE3 D . -6.09 -2.94 3.06
C41 GE3 D . -2.14 -2.94 4.52
H51 GE3 D . -0.13 -3.20 2.63
H52 GE3 D . -1.04 -1.72 2.35
HO4 GE3 D . -2.89 -5.16 3.54
H3 GE3 D . -3.74 -1.84 2.57
H2 GE3 D . -3.80 -4.23 0.64
H1 GE3 D . -2.36 -3.14 -0.87
HO2 GE3 D . -5.57 -2.85 0.68
HN1 GE3 D . -4.52 -3.86 4.02
H311 GE3 D . -6.01 -1.94 3.52
H312 GE3 D . -6.49 -2.83 2.04
H313 GE3 D . -6.83 -3.52 3.65
H411 GE3 D . -1.17 -3.25 4.95
H412 GE3 D . -2.22 -1.84 4.64
H413 GE3 D . -2.92 -3.38 5.17
C5 GE1 B . 4.54 2.89 -1.61
O GE1 B . 4.33 1.44 -1.54
C1 GE1 B . 3.17 0.99 -0.79
O1 GE1 B . 1.95 1.53 -1.38
C2 GE1 B . 3.32 1.45 0.69
N2 GE1 B . 2.20 1.02 1.55
C3 GE1 B . 3.50 3.00 0.75
C4 GE1 B . 4.63 3.48 -0.17
C6 GE1 B . 5.80 3.25 -2.41
N1 GE1 B . 5.88 2.56 -3.71
H5 GE1 B . 3.68 3.34 -2.13
H1 GE1 B . 3.15 -0.12 -0.83
H2 GE1 B . 4.24 0.99 1.09
HN21 GE1 B . 2.14 0.00 1.56
HN22 GE1 B . 2.38 1.30 2.52
H31 GE1 B . 3.70 3.32 1.79
H32 GE1 B . 2.55 3.50 0.46
H41 GE1 B . 5.59 3.19 0.28
H42 GE1 B . 4.64 4.59 -0.20
H61 GE1 B . 6.71 3.03 -1.84
H62 GE1 B . 5.81 4.34 -2.59
HN11 GE1 B . 6.74 2.83 -4.19
HN12 GE1 B . 5.94 1.55 -3.56
C5 GE2 C . 0.18 1.48 -3.08
C GE2 C . -0.91 0.61 -3.76
C1 GE2 C . -1.83 -0.03 -2.69
N1 GE2 C . -2.91 -0.80 -3.35
C2 GE2 C . -1.01 -0.92 -1.71
C3 GE2 C . 0.19 -0.16 -1.09
O32 GE2 C . 1.00 -1.12 -0.44
C4 GE2 C . 1.06 0.63 -2.11
N6 GE2 C . 1.01 2.17 -4.08
H5 GE2 C . -0.36 2.25 -2.51
H1A GE2 C . -1.49 1.19 -4.50
H2 GE2 C . -0.42 -0.17 -4.37
H1 GE2 C . -2.32 0.78 -2.12
HN11 GE2 C . -3.42 -0.19 -4.00
HN12 GE2 C . -2.51 -1.54 -3.94
H21 GE2 C . -0.62 -1.78 -2.30
H3 GE2 C . -0.20 0.55 -0.34
HOW GE2 C . 1.71 -0.63 -0.02
H41 GE2 C . 1.66 -0.08 -2.71
HN61 GE2 C . 1.67 2.80 -3.63
HN62 GE2 C . 0.42 2.76 -4.68
C5 GE3 D . -0.50 -2.87 1.66
C4 GE3 D . -1.64 -3.36 2.58
O4 GE3 D . -1.56 -4.78 2.60
C3 GE3 D . -3.03 -2.90 2.00
C2 GE3 D . -3.19 -3.15 0.46
C1 GE3 D . -1.92 -2.78 -0.36
O1 GE3 D . -1.86 -1.36 -0.61
O5 GE3 D . -0.72 -3.29 0.29
O2 GE3 D . -4.30 -2.43 -0.07
N1 GE3 D . -4.14 -3.55 2.77
C31 GE3 D . -5.46 -2.90 2.76
C41 GE3 D . -1.38 -2.85 4.02
H51 GE3 D . 0.47 -3.25 2.00
H52 GE3 D . -0.41 -1.75 1.70
HO4 GE3 D . -2.25 -5.08 3.19
H3 GE3 D . -3.10 -1.80 2.15
H2 GE3 D . -3.39 -4.21 0.30
H1 GE3 D . -1.99 -3.29 -1.34
HO2 GE3 D . -4.10 -1.50 0.06
HN1 GE3 D . -4.22 -4.54 2.50
H311 GE3 D . -5.39 -1.83 3.02
H312 GE3 D . -6.12 -3.37 3.49
H313 GE3 D . -5.95 -2.98 1.78
H411 GE3 D . -2.12 -3.24 4.73
H412 GE3 D . -1.41 -1.75 4.09
H413 GE3 D . -0.38 -3.17 4.39
C5 GE1 B . 4.51 3.13 -1.59
O GE1 B . 4.32 1.69 -1.50
C1 GE1 B . 3.16 1.23 -0.75
O1 GE1 B . 1.93 1.74 -1.36
C2 GE1 B . 3.29 1.73 0.72
N2 GE1 B . 2.17 1.31 1.58
C3 GE1 B . 3.44 3.28 0.75
C4 GE1 B . 4.58 3.76 -0.17
C6 GE1 B . 5.78 3.49 -2.40
N1 GE1 B . 5.88 2.80 -3.68
H5 GE1 B . 3.65 3.56 -2.13
H1 GE1 B . 3.16 0.12 -0.76
H2 GE1 B . 4.20 1.30 1.14
HN21 GE1 B . 2.11 0.28 1.61
HN22 GE1 B . 2.33 1.61 2.55
H31 GE1 B . 3.63 3.64 1.78
H32 GE1 B . 2.50 3.76 0.43
H41 GE1 B . 4.58 4.87 -0.22
H42 GE1 B . 5.55 3.49 0.30
H61 GE1 B . 6.69 3.29 -1.80
H62 GE1 B . 5.79 4.58 -2.57
HN11 GE1 B . 5.06 3.00 -4.26
HN12 GE1 B . 5.86 1.77 -3.53
C5 GE2 C . 0.18 1.63 -3.07
C GE2 C . -0.89 0.73 -3.73
C1 GE2 C . -1.81 0.10 -2.66
N1 GE2 C . -2.87 -0.70 -3.30
C2 GE2 C . -0.98 -0.76 -1.65
C3 GE2 C . 0.21 0.03 -1.05
O32 GE2 C . 1.03 -0.91 -0.36
C4 GE2 C . 1.07 0.81 -2.08
N6 GE2 C . 1.00 2.30 -4.09
H5 GE2 C . -0.36 2.41 -2.52
H1A GE2 C . -1.48 1.28 -4.48
H2 GE2 C . -0.39 -0.05 -4.33
H1 GE2 C . -2.31 0.92 -2.10
HN11 GE2 C . -3.41 -0.10 -3.96
HN12 GE2 C . -2.46 -1.44 -3.87
H21 GE2 C . -0.58 -1.63 -2.21
H3 GE2 C . -0.20 0.75 -0.31
HOW GE2 C . 1.35 -1.51 -1.03
H41 GE2 C . 1.69 0.10 -2.66
HN61 GE2 C . 1.49 1.60 -4.66
HN62 GE2 C . 0.40 2.81 -4.74
C5 GE3 D . -0.47 -2.59 1.77
C4 GE3 D . -1.61 -3.07 2.70
O4 GE3 D . -1.49 -4.49 2.79
C3 GE3 D . -3.00 -2.66 2.09
C2 GE3 D . -3.14 -2.97 0.56
C1 GE3 D . -1.87 -2.61 -0.25
O1 GE3 D . -1.83 -1.19 -0.55
O5 GE3 D . -0.67 -3.07 0.42
O2 GE3 D . -4.25 -2.29 -0.01
N1 GE3 D . -4.10 -3.31 2.87
C31 GE3 D . -5.44 -2.70 2.81
C41 GE3 D . -1.37 -2.51 4.12
H51 GE3 D . 0.51 -2.95 2.14
H52 GE3 D . -0.40 -1.48 1.78
HO4 GE3 D . -2.20 -4.78 3.37
H3 GE3 D . -3.09 -1.56 2.21
H2 GE3 D . -3.31 -4.05 0.43
H1 GE3 D . -1.91 -3.15 -1.22
HO2 GE3 D . -5.02 -2.59 0.49
HN1 GE3 D . -4.15 -4.32 2.64
H311 GE3 D . -5.40 -1.62 3.04
H312 GE3 D . -6.11 -3.18 3.56
H313 GE3 D . -5.92 -2.84 1.83
H411 GE3 D . -2.12 -2.87 4.85
H412 GE3 D . -0.38 -2.79 4.53
H413 GE3 D . -1.43 -1.41 4.14
C5 GE1 B . 4.46 2.88 -1.47
O GE1 B . 4.25 1.42 -1.44
C1 GE1 B . 3.10 0.96 -0.69
O1 GE1 B . 1.88 1.50 -1.27
C2 GE1 B . 3.25 1.40 0.79
N2 GE1 B . 2.13 0.95 1.64
C3 GE1 B . 3.42 2.94 0.88
C4 GE1 B . 4.55 3.44 -0.03
C6 GE1 B . 5.70 3.27 -2.28
N1 GE1 B . 5.78 2.62 -3.60
H5 GE1 B . 3.59 3.34 -1.99
H1 GE1 B . 3.09 -0.16 -0.75
H2 GE1 B . 4.17 0.93 1.19
HN21 GE1 B . 2.03 -0.08 1.58
HN22 GE1 B . 1.25 1.33 1.29
H31 GE1 B . 2.47 3.44 0.60
H32 GE1 B . 3.62 3.25 1.92
H41 GE1 B . 4.56 4.55 -0.04
H42 GE1 B . 5.51 3.15 0.42
H61 GE1 B . 5.72 4.36 -2.43
H62 GE1 B . 6.62 3.03 -1.72
HN11 GE1 B . 4.97 2.88 -4.18
HN12 GE1 B . 6.60 2.94 -4.11
C5 GE2 C . 0.11 1.47 -2.98
C GE2 C . -0.96 0.60 -3.68
C1 GE2 C . -1.90 -0.04 -2.61
N1 GE2 C . -2.98 -0.80 -3.29
C2 GE2 C . -1.08 -0.94 -1.64
C3 GE2 C . 0.12 -0.20 -1.01
O32 GE2 C . 0.93 -1.16 -0.36
C4 GE2 C . 0.99 0.61 -2.02
N6 GE2 C . 0.94 2.17 -3.98
H5 GE2 C . -0.42 2.24 -2.40
H1A GE2 C . -1.56 1.19 -4.40
H2 GE2 C . -0.48 -0.16 -4.30
H1 GE2 C . -2.39 0.76 -2.03
HN11 GE2 C . -3.60 -1.23 -2.59
HN12 GE2 C . -2.57 -1.57 -3.82
H21 GE2 C . -0.69 -1.80 -2.22
H3 GE2 C . -0.27 0.51 -0.25
HOW GE2 C . 1.64 -0.67 0.06
H41 GE2 C . 1.60 -0.10 -2.62
HN61 GE2 C . 1.65 2.74 -3.52
HN62 GE2 C . 1.47 1.48 -4.54
C5 GE3 D . -0.60 -2.87 1.74
C4 GE3 D . -1.75 -3.38 2.65
O4 GE3 D . -1.65 -4.81 2.67
C3 GE3 D . -3.13 -2.91 2.06
C2 GE3 D . -3.28 -3.17 0.52
C1 GE3 D . -2.00 -2.81 -0.29
O1 GE3 D . -1.93 -1.38 -0.54
O5 GE3 D . -0.80 -3.30 0.37
O2 GE3 D . -4.38 -2.46 -0.03
N1 GE3 D . -4.24 -3.58 2.82
C31 GE3 D . -5.56 -2.93 2.79
C41 GE3 D . -1.49 -2.88 4.09
H51 GE3 D . -0.52 -1.77 1.78
H52 GE3 D . 0.38 -3.25 2.09
HO4 GE3 D . -0.77 -5.01 3.02
H3 GE3 D . -3.19 -1.83 2.22
H2 GE3 D . -3.47 -4.24 0.36
H1 GE3 D . -2.06 -3.32 -1.27
HO2 GE3 D . -4.42 -2.70 -0.96
HN1 GE3 D . -3.95 -3.69 3.80
H311 GE3 D . -6.02 -2.97 1.79
H312 GE3 D . -5.49 -1.87 3.11
H313 GE3 D . -6.24 -3.44 3.50
H411 GE3 D . -2.24 -3.27 4.80
H412 GE3 D . -1.52 -1.77 4.15
H413 GE3 D . -0.50 -3.19 4.46
C5 GE1 B . 4.43 2.60 -0.96
O GE1 B . 3.90 1.25 -0.78
C1 GE1 B . 2.74 1.09 0.07
O1 GE1 B . 1.57 1.70 -0.54
C2 GE1 B . 3.04 1.68 1.49
N2 GE1 B . 1.86 1.60 2.39
C3 GE1 B . 3.54 3.13 1.38
C4 GE1 B . 4.75 3.25 0.42
C6 GE1 B . 5.66 2.46 -1.87
N1 GE1 B . 6.20 3.76 -2.33
H5 GE1 B . 3.67 3.22 -1.47
H1 GE1 B . 2.60 -0.01 0.19
H2 GE1 B . 3.84 1.07 1.95
HN21 GE1 B . 1.10 2.17 2.02
HN22 GE1 B . 2.09 1.98 3.30
H31 GE1 B . 2.73 3.80 1.02
H32 GE1 B . 3.84 3.52 2.37
H41 GE1 B . 5.62 2.74 0.88
H42 GE1 B . 5.03 4.30 0.29
H61 GE1 B . 5.41 1.85 -2.75
H62 GE1 B . 6.44 1.91 -1.35
HN11 GE1 B . 6.99 3.61 -2.96
HN12 GE1 B . 5.49 4.25 -2.89
C5 GE2 C . -0.04 1.65 -2.42
C GE2 C . -1.06 0.78 -3.18
C1 GE2 C . -2.11 0.16 -2.22
N1 GE2 C . -3.09 -0.63 -2.97
C2 GE2 C . -1.40 -0.68 -1.11
C3 GE2 C . -0.33 0.15 -0.37
O32 GE2 C . 0.34 -0.71 0.53
C4 GE2 C . 0.69 0.83 -1.31
N6 GE2 C . 0.93 2.27 -3.35
H5 GE2 C . -0.62 2.46 -1.95
H1A GE2 C . -1.56 1.36 -3.99
H2 GE2 C . -0.52 -0.01 -3.75
H1 GE2 C . -2.66 0.99 -1.73
HN11 GE2 C . -3.58 -0.04 -3.66
HN12 GE2 C . -3.82 -0.99 -2.35
H21 GE2 C . -0.90 -1.53 -1.59
H3 GE2 C . -0.84 0.94 0.24
HOW GE2 C . 0.98 -0.16 1.00
H41 GE2 C . 1.29 0.04 -1.81
HN61 GE2 C . 1.59 2.86 -2.83
HN62 GE2 C . 1.50 1.55 -3.80
C5 GE3 D . -1.22 -2.75 2.19
C4 GE3 D . -2.43 -3.26 3.00
O4 GE3 D . -2.37 -4.68 3.00
C3 GE3 D . -3.77 -2.75 2.34
C2 GE3 D . -3.81 -2.93 0.79
C1 GE3 D . -2.48 -2.56 0.07
O1 GE3 D . -2.38 -1.13 -0.11
O5 GE3 D . -1.34 -3.11 0.79
O2 GE3 D . -4.87 -2.18 0.20
N1 GE3 D . -4.93 -3.43 3.00
C31 GE3 D . -6.25 -2.77 2.89
C41 GE3 D . -2.27 -2.80 4.47
H51 GE3 D . -1.13 -1.65 2.30
H52 GE3 D . -0.27 -3.17 2.59
HO4 GE3 D . -1.52 -4.91 3.39
H3 GE3 D . -3.83 -1.66 2.54
H2 GE3 D . -4.02 -4.00 0.57
H1 GE3 D . -2.50 -3.04 -0.92
HO2 GE3 D . -5.68 -2.48 0.63
HN1 GE3 D . -4.99 -4.40 2.71
H311 GE3 D . -6.20 -1.70 3.16
H312 GE3 D . -6.67 -2.85 1.86
H313 GE3 D . -6.98 -3.25 3.57
H411 GE3 D . -1.30 -3.15 4.91
H412 GE3 D . -3.07 -3.21 5.13
H413 GE3 D . -2.29 -1.70 4.57
C5 GE1 B . 4.07 4.03 -0.62
O GE1 B . 3.82 2.59 -0.50
C1 GE1 B . 2.56 2.15 0.08
O1 GE1 B . 1.42 2.49 -0.80
C2 GE1 B . 2.38 2.80 1.48
N2 GE1 B . 1.12 2.41 2.16
C3 GE1 B . 2.46 4.35 1.37
C4 GE1 B . 3.79 4.78 0.71
C6 GE1 B . 5.53 4.26 -1.03
N1 GE1 B . 5.92 3.59 -2.28
H5 GE1 B . 3.41 4.44 -1.40
H1 GE1 B . 2.63 1.06 0.19
H2 GE1 B . 3.21 2.45 2.12
HN21 GE1 B . 1.10 1.40 2.29
HN22 GE1 B . 1.09 2.81 3.10
H31 GE1 B . 1.62 4.74 0.78
H32 GE1 B . 2.39 4.82 2.37
H41 GE1 B . 3.79 5.86 0.55
H42 GE1 B . 4.60 4.59 1.44
H61 GE1 B . 5.74 5.34 -1.12
H62 GE1 B . 6.20 3.89 -0.22
HN11 GE1 B . 5.36 3.97 -3.06
HN12 GE1 B . 6.89 3.81 -2.51
C5 GE2 C . -0.18 2.02 -2.60
C GE2 C . -1.06 0.95 -3.29
C1 GE2 C . -1.98 0.25 -2.25
N1 GE2 C . -2.86 -0.72 -2.92
C2 GE2 C . -1.11 -0.43 -1.15
C3 GE2 C . -0.16 0.58 -0.48
O32 GE2 C . 0.68 -0.17 0.39
C4 GE2 C . 0.72 1.41 -1.49
N6 GE2 C . 0.63 2.73 -3.61
H5 GE2 C . -0.88 2.76 -2.16
H1A GE2 C . -1.66 1.38 -4.11
H2 GE2 C . -0.40 0.21 -3.77
H1 GE2 C . -2.63 1.01 -1.77
HN11 GE2 C . -3.46 -1.19 -2.24
HN12 GE2 C . -2.30 -1.46 -3.36
H21 GE2 C . -0.48 -1.21 -1.64
H3 GE2 C . -0.75 1.28 0.13
HOW GE2 C . 1.24 0.47 0.84
H41 GE2 C . 1.46 0.73 -1.95
HN61 GE2 C . 1.20 3.45 -3.17
HN62 GE2 C . 1.29 2.08 -4.05
C5 GE3 D . -0.44 -2.44 2.16
C4 GE3 D . -1.53 -3.11 3.02
O4 GE3 D . -1.30 -4.52 2.97
C3 GE3 D . -2.96 -2.76 2.44
C2 GE3 D . -3.06 -2.98 0.89
C1 GE3 D . -1.83 -2.44 0.11
O1 GE3 D . -1.94 -1.00 -0.10
O5 GE3 D . -0.59 -2.81 0.76
O2 GE3 D . -4.24 -2.40 0.35
N1 GE3 D . -4.01 -3.55 3.16
C31 GE3 D . -5.35 -2.95 3.23
C41 GE3 D . -1.34 -2.66 4.50
H51 GE3 D . -0.49 -1.33 2.27
H52 GE3 D . 0.56 -2.73 2.50
HO4 GE3 D . -0.41 -4.65 3.31
H3 GE3 D . -3.13 -1.68 2.64
H2 GE3 D . -3.12 -4.06 0.70
H1 GE3 D . -1.83 -2.92 -0.89
HO2 GE3 D . -4.18 -1.46 0.52
HN1 GE3 D . -3.68 -3.76 4.11
H311 GE3 D . -6.01 -3.58 3.86
H312 GE3 D . -5.82 -2.87 2.25
H313 GE3 D . -5.31 -1.95 3.70
H411 GE3 D . -0.33 -2.90 4.87
H412 GE3 D . -1.51 -1.58 4.62
H413 GE3 D . -2.05 -3.18 5.18
C5 GE1 B . 4.36 3.39 -2.29
O GE1 B . 4.12 1.96 -2.47
C1 GE1 B . 3.22 1.33 -1.51
O1 GE1 B . 1.86 1.83 -1.71
C2 GE1 B . 3.74 1.56 -0.05
N2 GE1 B . 2.84 1.01 0.98
C3 GE1 B . 4.00 3.06 0.21
C4 GE1 B . 4.92 3.68 -0.87
C6 GE1 B . 5.26 3.97 -3.39
N1 GE1 B . 6.43 3.15 -3.74
H5 GE1 B . 3.40 3.92 -2.37
H1 GE1 B . 3.25 0.22 -1.69
H2 GE1 B . 4.70 1.03 0.04
HN21 GE1 B . 1.94 1.50 0.95
HN22 GE1 B . 3.22 1.18 1.91
H31 GE1 B . 4.48 3.20 1.21
H32 GE1 B . 3.05 3.63 0.24
H41 GE1 B . 5.03 4.77 -0.70
H42 GE1 B . 5.93 3.25 -0.78
H61 GE1 B . 5.60 4.98 -3.10
H62 GE1 B . 4.66 4.14 -4.31
HN11 GE1 B . 6.96 3.59 -4.51
HN12 GE1 B . 6.13 2.23 -4.10
C5 GE2 C . -0.08 1.78 -3.24
C GE2 C . -1.15 0.85 -3.88
C1 GE2 C . -1.94 0.11 -2.77
N1 GE2 C . -3.01 -0.71 -3.38
C2 GE2 C . -0.98 -0.75 -1.89
C3 GE2 C . 0.22 0.06 -1.35
O32 GE2 C . 1.17 -0.87 -0.82
C4 GE2 C . 0.94 0.95 -2.41
N6 GE2 C . 0.60 2.57 -4.29
H5 GE2 C . -0.61 2.49 -2.58
H1A GE2 C . -1.83 1.41 -4.54
H2 GE2 C . -0.66 0.15 -4.58
H1 GE2 C . -2.43 0.87 -2.13
HN11 GE2 C . -3.61 -0.12 -3.96
HN12 GE2 C . -2.60 -1.41 -4.02
H21 GE2 C . -0.59 -1.58 -2.52
H3 GE2 C . -0.13 0.71 -0.54
HOW GE2 C . 1.87 -0.33 -0.45
H41 GE2 C . 1.49 0.29 -3.11
HN61 GE2 C . 1.30 3.18 -3.86
HN62 GE2 C . 1.13 1.95 -4.92
C5 GE3 D . -0.12 -2.64 1.44
C4 GE3 D . -1.17 -3.21 2.43
O4 GE3 D . -0.97 -4.62 2.45
C3 GE3 D . -2.61 -2.84 1.94
C2 GE3 D . -2.84 -3.13 0.41
C1 GE3 D . -1.65 -2.68 -0.50
O1 GE3 D . -1.71 -1.25 -0.73
O5 GE3 D . -0.38 -3.09 0.09
O2 GE3 D . -4.03 -2.50 -0.07
N1 GE3 D . -3.62 -3.57 2.76
C31 GE3 D . -4.97 -2.98 2.85
C41 GE3 D . -0.84 -2.68 3.85
H51 GE3 D . -0.10 -1.52 1.47
H52 GE3 D . 0.91 -2.94 1.72
HO4 GE3 D . -0.06 -4.77 2.73
H3 GE3 D . -2.74 -1.76 2.08
H2 GE3 D . -2.97 -4.21 0.26
H1 GE3 D . -1.74 -3.20 -1.46
HO2 GE3 D . -3.90 -1.56 0.05
HN1 GE3 D . -3.68 -4.56 2.48
H311 GE3 D . -5.52 -3.06 1.90
H312 GE3 D . -4.93 -1.92 3.16
H313 GE3 D . -5.56 -3.51 3.62
H411 GE3 D . -1.52 -3.12 4.61
H412 GE3 D . 0.19 -2.92 4.16
H413 GE3 D . -0.95 -1.58 3.91
C5 GE1 B . 3.87 3.58 -0.13
O GE1 B . 3.53 2.15 -0.08
C1 GE1 B . 2.23 1.75 0.45
O1 GE1 B . 1.15 2.17 -0.44
C2 GE1 B . 2.05 2.35 1.88
N2 GE1 B . 0.76 2.00 2.50
C3 GE1 B . 2.23 3.89 1.84
C4 GE1 B . 3.59 4.27 1.24
C6 GE1 B . 5.35 3.74 -0.50
N1 GE1 B . 5.72 3.13 -1.78
H5 GE1 B . 3.24 4.07 -0.90
H1 GE1 B . 2.26 0.65 0.51
H2 GE1 B . 2.85 1.93 2.52
HN21 GE1 B . 0.68 2.42 3.43
HN22 GE1 B . -0.01 2.40 1.96
H31 GE1 B . 1.42 4.36 1.25
H32 GE1 B . 2.16 4.32 2.86
H41 GE1 B . 4.38 4.00 1.97
H42 GE1 B . 3.66 5.36 1.13
H61 GE1 B . 5.98 3.29 0.29
H62 GE1 B . 5.61 4.81 -0.52
HN11 GE1 B . 5.49 2.12 -1.77
HN12 GE1 B . 5.14 3.53 -2.54
C5 GE2 C . -0.41 1.85 -2.32
C GE2 C . -1.30 0.85 -3.09
C1 GE2 C . -2.29 0.14 -2.12
N1 GE2 C . -3.17 -0.76 -2.89
C2 GE2 C . -1.50 -0.61 -1.01
C3 GE2 C . -0.52 0.32 -0.26
O32 GE2 C . 0.25 -0.51 0.60
C4 GE2 C . 0.42 1.15 -1.20
N6 GE2 C . 0.46 2.60 -3.26
H5 GE2 C . -1.10 2.59 -1.86
H1A GE2 C . -1.84 1.33 -3.92
H2 GE2 C . -0.64 0.11 -3.59
H1 GE2 C . -2.92 0.91 -1.65
HN11 GE2 C . -3.66 -0.24 -3.62
HN12 GE2 C . -2.61 -1.47 -3.38
H21 GE2 C . -0.90 -1.42 -1.49
H3 GE2 C . -1.11 1.03 0.35
HOW GE2 C . 0.83 0.09 1.09
H41 GE2 C . 1.14 0.47 -1.68
HN61 GE2 C . -0.12 3.04 -3.99
HN62 GE2 C . 1.07 1.94 -3.75
C5 GE3 D . -1.15 -2.65 2.33
C4 GE3 D . -2.33 -3.26 3.11
O4 GE3 D . -2.16 -4.68 3.09
C3 GE3 D . -3.69 -2.85 2.43
C2 GE3 D . -3.69 -3.08 0.88
C1 GE3 D . -2.39 -2.59 0.19
O1 GE3 D . -2.42 -1.16 -0.02
O5 GE3 D . -1.21 -3.02 0.92
O2 GE3 D . -4.81 -2.46 0.25
N1 GE3 D . -4.83 -3.59 3.07
C31 GE3 D . -6.15 -2.93 3.05
C41 GE3 D . -2.24 -2.81 4.60
H51 GE3 D . -1.15 -1.55 2.43
H52 GE3 D . -0.19 -2.99 2.74
HO4 GE3 D . -2.89 -5.05 3.60
H3 GE3 D . -3.83 -1.76 2.60
H2 GE3 D . -3.77 -4.16 0.69
H1 GE3 D . -2.33 -3.07 -0.81
HO2 GE3 D . -4.75 -2.69 -0.68
HN1 GE3 D . -4.89 -4.54 2.70
H311 GE3 D . -6.87 -3.49 3.66
H312 GE3 D . -6.10 -1.89 3.45
H313 GE3 D . -6.57 -2.89 2.02
H411 GE3 D . -2.34 -1.71 4.71
H412 GE3 D . -1.26 -3.08 5.04
H413 GE3 D . -3.02 -3.28 5.22
C5 GE1 B . 3.68 4.00 -0.25
O GE1 B . 3.26 2.63 0.03
C1 GE1 B . 1.94 2.40 0.59
O1 GE1 B . 0.88 2.66 -0.39
C2 GE1 B . 1.74 3.28 1.87
N2 GE1 B . 0.41 3.10 2.47
C3 GE1 B . 2.01 4.76 1.56
C4 GE1 B . 3.41 4.95 0.94
C6 GE1 B . 5.19 4.02 -0.58
N1 GE1 B . 5.56 3.16 -1.72
H5 GE1 B . 3.11 4.37 -1.13
H1 GE1 B . 1.93 1.34 0.89
H2 GE1 B . 2.49 2.94 2.61
HN21 GE1 B . 0.32 3.69 3.32
HN22 GE1 B . -0.32 3.43 1.83
H31 GE1 B . 1.25 5.16 0.87
H32 GE1 B . 1.93 5.38 2.47
H41 GE1 B . 3.54 6.00 0.63
H42 GE1 B . 4.16 4.78 1.74
H61 GE1 B . 5.53 5.05 -0.80
H62 GE1 B . 5.77 3.68 0.30
HN11 GE1 B . 6.56 3.24 -1.91
HN12 GE1 B . 5.09 3.49 -2.58
C5 GE2 C . -0.36 1.97 -2.43
C GE2 C . -1.04 0.79 -3.17
C1 GE2 C . -2.06 0.06 -2.26
N1 GE2 C . -2.69 -1.05 -3.01
C2 GE2 C . -1.38 -0.43 -0.95
C3 GE2 C . -0.75 0.78 -0.21
O32 GE2 C . -0.18 0.32 1.01
C4 GE2 C . 0.31 1.51 -1.09
N6 GE2 C . 0.61 2.64 -3.32
H5 GE2 C . -1.18 2.69 -2.22
H1A GE2 C . -1.52 1.13 -4.10
H2 GE2 C . -0.25 0.09 -3.49
H1 GE2 C . -2.87 0.77 -1.99
HN11 GE2 C . -3.41 -1.49 -2.44
HN12 GE2 C . -3.17 -0.69 -3.83
H21 GE2 C . -0.56 -1.13 -1.22
H3 GE2 C . -1.56 1.48 0.06
HOW GE2 C . 0.16 1.11 1.45
H41 GE2 C . 1.12 0.80 -1.33
HN61 GE2 C . 1.04 3.44 -2.84
HN62 GE2 C . 1.38 2.00 -3.55
C5 GE3 D . -0.57 -3.35 2.24
C4 GE3 D . -1.78 -3.69 3.17
O4 GE3 D . -1.81 -5.12 3.28
C3 GE3 D . -3.16 -3.14 2.62
C2 GE3 D . -3.20 -3.14 1.05
C1 GE3 D . -1.97 -2.40 0.43
O1 GE3 D . -2.34 -1.09 -0.08
O5 GE3 D . -0.87 -2.25 1.36
O2 GE3 D . -4.42 -2.59 0.54
N1 GE3 D . -4.32 -3.89 3.20
C31 GE3 D . -5.58 -3.15 3.39
C41 GE3 D . -1.52 -3.14 4.60
H51 GE3 D . -0.29 -4.21 1.62
H52 GE3 D . 0.35 -3.13 2.82
HO4 GE3 D . -1.95 -5.45 2.39
H3 GE3 D . -3.24 -2.07 2.92
H2 GE3 D . -3.16 -4.19 0.73
H1 GE3 D . -1.63 -3.02 -0.43
HO2 GE3 D . -4.36 -2.68 -0.41
HN1 GE3 D . -4.47 -4.76 2.69
H311 GE3 D . -5.43 -2.24 3.99
H312 GE3 D . -6.03 -2.86 2.42
H313 GE3 D . -6.31 -3.79 3.91
H411 GE3 D . -1.43 -2.04 4.61
H412 GE3 D . -0.58 -3.56 5.03
H413 GE3 D . -2.33 -3.42 5.30
C5 GE1 B . 4.42 2.88 -1.39
O GE1 B . 4.23 1.42 -1.35
C1 GE1 B . 3.06 0.93 -0.62
O1 GE1 B . 1.85 1.48 -1.20
C2 GE1 B . 3.21 1.38 0.87
N2 GE1 B . 2.09 0.92 1.71
C3 GE1 B . 3.37 2.92 0.97
C4 GE1 B . 4.51 3.43 0.06
C6 GE1 B . 5.68 3.27 -2.18
N1 GE1 B . 5.74 2.62 -3.50
H5 GE1 B . 3.56 3.33 -1.90
H1 GE1 B . 3.06 -0.17 -0.68
H2 GE1 B . 4.13 0.91 1.27
HN21 GE1 B . 2.26 1.17 2.69
HN22 GE1 B . 2.04 -0.11 1.71
H31 GE1 B . 3.57 3.22 2.01
H32 GE1 B . 2.43 3.42 0.67
H41 GE1 B . 5.47 3.13 0.51
H42 GE1 B . 4.51 4.54 0.06
H61 GE1 B . 5.68 4.36 -2.32
H62 GE1 B . 6.59 3.04 -1.63
HN11 GE1 B . 4.91 2.85 -4.06
HN12 GE1 B . 5.74 1.61 -3.40
C5 GE2 C . 0.10 1.45 -2.92
C GE2 C . -0.98 0.58 -3.62
C1 GE2 C . -1.92 -0.06 -2.57
N1 GE2 C . -2.99 -0.81 -3.25
C2 GE2 C . -1.12 -0.96 -1.59
C3 GE2 C . 0.09 -0.21 -0.96
O32 GE2 C . 0.89 -1.18 -0.30
C4 GE2 C . 0.97 0.59 -1.95
N6 GE2 C . 0.94 2.15 -3.91
H5 GE2 C . -0.43 2.22 -2.34
H1A GE2 C . -1.56 1.17 -4.36
H2 GE2 C . -0.48 -0.18 -4.23
H1 GE2 C . -2.40 0.75 -1.99
HN11 GE2 C . -2.59 -1.55 -3.83
HN12 GE2 C . -3.50 -0.20 -3.89
H21 GE2 C . -0.71 -1.82 -2.17
H3 GE2 C . -0.30 0.49 -0.19
HOW GE2 C . 1.61 -0.69 0.12
H41 GE2 C . 1.58 -0.11 -2.55
HN61 GE2 C . 1.42 1.47 -4.52
HN62 GE2 C . 0.35 2.70 -4.55
C5 GE3 D . -0.65 -2.89 1.79
C4 GE3 D . -1.81 -3.39 2.69
O4 GE3 D . -1.71 -4.82 2.72
C3 GE3 D . -3.19 -2.92 2.09
C2 GE3 D . -3.32 -3.18 0.55
C1 GE3 D . -2.04 -2.82 -0.24
O1 GE3 D . -1.97 -1.39 -0.50
O5 GE3 D . -0.85 -3.32 0.42
O2 GE3 D . -4.42 -2.47 -0.01
N1 GE3 D . -4.30 -3.59 2.84
C31 GE3 D . -5.62 -2.92 2.82
C41 GE3 D . -1.57 -2.88 4.14
H51 GE3 D . -0.58 -1.78 1.84
H52 GE3 D . 0.31 -3.27 2.15
HO4 GE3 D . -1.83 -5.10 1.80
H3 GE3 D . -3.26 -1.83 2.25
H2 GE3 D . -3.52 -4.25 0.39
H1 GE3 D . -2.08 -3.33 -1.23
HO2 GE3 D . -5.19 -2.76 0.48
HN1 GE3 D . -4.02 -3.70 3.83
H311 GE3 D . -6.31 -3.43 3.50
H312 GE3 D . -6.08 -2.96 1.81
H313 GE3 D . -5.55 -1.86 3.13
H411 GE3 D . -2.32 -3.28 4.84
H412 GE3 D . -1.61 -1.78 4.20
H413 GE3 D . -0.58 -3.20 4.53
C5 GE1 B . 4.55 2.92 -1.62
O GE1 B . 4.35 1.47 -1.55
C1 GE1 B . 3.17 1.02 -0.79
O1 GE1 B . 1.96 1.56 -1.39
C2 GE1 B . 3.33 1.50 0.68
N2 GE1 B . 2.22 1.07 1.54
C3 GE1 B . 3.51 3.03 0.73
C4 GE1 B . 4.65 3.52 -0.19
C6 GE1 B . 5.81 3.27 -2.43
N1 GE1 B . 5.90 2.59 -3.72
H5 GE1 B . 3.69 3.37 -2.15
H1 GE1 B . 3.16 -0.09 -0.83
H2 GE1 B . 4.25 1.03 1.08
HN21 GE1 B . 1.32 1.46 1.19
HN22 GE1 B . 2.10 0.06 1.50
H31 GE1 B . 2.57 3.54 0.44
H32 GE1 B . 3.72 3.37 1.76
H41 GE1 B . 5.61 3.23 0.27
H42 GE1 B . 4.66 4.62 -0.23
H61 GE1 B . 6.72 3.06 -1.85
H62 GE1 B . 5.83 4.36 -2.60
HN11 GE1 B . 6.73 2.89 -4.24
HN12 GE1 B . 5.09 2.84 -4.32
C5 GE2 C . 0.19 1.50 -3.08
C GE2 C . -0.89 0.63 -3.76
C1 GE2 C . -1.82 -0.01 -2.68
N1 GE2 C . -2.90 -0.78 -3.35
C2 GE2 C . -1.00 -0.90 -1.71
C3 GE2 C . 0.20 -0.14 -1.09
O32 GE2 C . 1.02 -1.09 -0.43
C4 GE2 C . 1.08 0.66 -2.11
N6 GE2 C . 1.01 2.20 -4.09
H5 GE2 C . -0.34 2.28 -2.51
H1A GE2 C . -1.49 1.21 -4.49
H2 GE2 C . -0.40 -0.15 -4.37
H1 GE2 C . -2.31 0.80 -2.11
HN11 GE2 C . -3.54 -1.15 -2.64
HN12 GE2 C . -3.46 -0.16 -3.94
H21 GE2 C . -0.60 -1.75 -2.28
H3 GE2 C . -0.19 0.58 -0.34
HOW GE2 C . 0.45 -1.52 0.21
H41 GE2 C . 1.68 -0.06 -2.72
HN61 GE2 C . 1.49 1.51 -4.69
HN62 GE2 C . 0.41 2.74 -4.73
C5 GE3 D . -0.48 -2.83 1.66
C4 GE3 D . -1.62 -3.32 2.59
O4 GE3 D . -1.53 -4.75 2.62
C3 GE3 D . -3.01 -2.86 2.01
C2 GE3 D . -3.17 -3.12 0.47
C1 GE3 D . -1.90 -2.76 -0.35
O1 GE3 D . -1.84 -1.33 -0.61
O5 GE3 D . -0.70 -3.25 0.30
O2 GE3 D . -4.28 -2.41 -0.06
N1 GE3 D . -4.12 -3.53 2.78
C31 GE3 D . -5.44 -2.87 2.76
C41 GE3 D . -1.35 -2.81 4.02
H51 GE3 D . 0.50 -3.22 2.00
H52 GE3 D . -0.39 -1.72 1.70
HO4 GE3 D . -2.23 -5.04 3.20
H3 GE3 D . -3.08 -1.77 2.16
H2 GE3 D . -3.37 -4.19 0.31
H1 GE3 D . -1.97 -3.27 -1.33
HO2 GE3 D . -4.33 -2.65 -0.99
HN1 GE3 D . -4.19 -4.51 2.51
H311 GE3 D . -5.36 -1.80 3.02
H312 GE3 D . -5.93 -2.96 1.78
H313 GE3 D . -6.10 -3.35 3.50
H411 GE3 D . -0.36 -3.13 4.39
H412 GE3 D . -1.39 -1.71 4.08
H413 GE3 D . -2.10 -3.21 4.74
C5 GE1 B . 4.35 2.61 -0.82
O GE1 B . 3.80 1.27 -0.64
C1 GE1 B . 2.65 1.12 0.23
O1 GE1 B . 1.48 1.74 -0.38
C2 GE1 B . 2.96 1.72 1.63
N2 GE1 B . 1.79 1.65 2.53
C3 GE1 B . 3.48 3.17 1.52
C4 GE1 B . 4.68 3.25 0.56
C6 GE1 B . 5.57 2.45 -1.74
N1 GE1 B . 6.14 3.73 -2.20
H5 GE1 B . 3.61 3.24 -1.33
H1 GE1 B . 2.49 0.04 0.35
H2 GE1 B . 3.76 1.11 2.10
HN21 GE1 B . 1.49 0.68 2.67
HN22 GE1 B . 2.05 1.98 3.47
H31 GE1 B . 3.79 3.55 2.51
H32 GE1 B . 2.68 3.85 1.16
H41 GE1 B . 5.55 2.74 1.01
H42 GE1 B . 5.00 4.31 0.43
H61 GE1 B . 5.30 1.84 -2.62
H62 GE1 B . 6.34 1.87 -1.22
HN11 GE1 B . 6.41 4.30 -1.39
HN12 GE1 B . 5.42 4.28 -2.70
C5 GE2 C . -0.13 1.72 -2.27
C GE2 C . -1.14 0.85 -3.06
C1 GE2 C . -2.18 0.19 -2.11
N1 GE2 C . -3.14 -0.61 -2.89
C2 GE2 C . -1.48 -0.66 -1.00
C3 GE2 C . -0.42 0.18 -0.24
O32 GE2 C . 0.26 -0.69 0.64
C4 GE2 C . 0.61 0.89 -1.18
N6 GE2 C . 0.83 2.38 -3.18
H5 GE2 C . -0.73 2.51 -1.78
H1A GE2 C . -1.64 1.44 -3.84
H2 GE2 C . -0.57 0.09 -3.63
H1 GE2 C . -2.75 1.00 -1.62
HN11 GE2 C . -2.65 -1.39 -3.36
HN12 GE2 C . -3.83 -1.04 -2.26
H21 GE2 C . -0.95 -1.50 -1.50
H3 GE2 C . -0.94 0.95 0.36
HOW GE2 C . 0.70 -1.35 0.10
H41 GE2 C . 1.22 0.11 -1.69
HN61 GE2 C . 0.32 2.97 -3.85
HN62 GE2 C . 1.43 3.02 -2.65
C5 GE3 D . -1.29 -2.79 2.25
C4 GE3 D . -2.51 -3.31 3.06
O4 GE3 D . -2.44 -4.73 3.04
C3 GE3 D . -3.84 -2.80 2.40
C2 GE3 D . -3.88 -2.96 0.84
C1 GE3 D . -2.55 -2.58 0.14
O1 GE3 D . -2.44 -1.14 -0.03
O5 GE3 D . -1.41 -3.13 0.85
O2 GE3 D . -4.94 -2.21 0.26
N1 GE3 D . -5.01 -3.48 3.04
C31 GE3 D . -6.32 -2.82 2.94
C41 GE3 D . -2.35 -2.86 4.53
H51 GE3 D . -0.36 -3.21 2.65
H52 GE3 D . -1.20 -1.69 2.37
HO4 GE3 D . -1.59 -4.95 3.44
H3 GE3 D . -3.91 -1.71 2.60
H2 GE3 D . -4.08 -4.03 0.60
H1 GE3 D . -2.56 -3.04 -0.87
HO2 GE3 D . -4.74 -1.29 0.45
HN1 GE3 D . -5.08 -4.45 2.72
H311 GE3 D . -7.05 -3.31 3.61
H312 GE3 D . -6.27 -1.75 3.26
H313 GE3 D . -6.73 -2.86 1.92
H411 GE3 D . -3.16 -3.28 5.17
H412 GE3 D . -2.38 -1.77 4.65
H413 GE3 D . -1.40 -3.21 4.97
C5 GE1 B . 3.91 3.67 -0.30
O GE1 B . 3.59 2.25 -0.24
C1 GE1 B . 2.29 1.84 0.29
O1 GE1 B . 1.21 2.24 -0.60
C2 GE1 B . 2.11 2.45 1.71
N2 GE1 B . 0.81 2.09 2.34
C3 GE1 B . 2.27 3.99 1.66
C4 GE1 B . 3.63 4.37 1.06
C6 GE1 B . 5.40 3.85 -0.67
N1 GE1 B . 5.77 3.23 -1.95
H5 GE1 B . 3.28 4.15 -1.07
H1 GE1 B . 2.33 0.74 0.37
H2 GE1 B . 2.90 2.04 2.36
HN21 GE1 B . 0.77 2.47 3.29
HN22 GE1 B . 0.73 1.08 2.43
H31 GE1 B . 1.46 4.46 1.06
H32 GE1 B . 2.19 4.43 2.67
H41 GE1 B . 4.43 4.11 1.79
H42 GE1 B . 3.69 5.47 0.94
H61 GE1 B . 6.03 3.42 0.12
H62 GE1 B . 5.65 4.93 -0.71
HN11 GE1 B . 5.24 3.67 -2.72
HN12 GE1 B . 6.75 3.41 -2.15
C5 GE2 C . -0.37 1.88 -2.46
C GE2 C . -1.25 0.86 -3.21
C1 GE2 C . -2.21 0.16 -2.23
N1 GE2 C . -3.10 -0.76 -2.98
C2 GE2 C . -1.42 -0.58 -1.12
C3 GE2 C . -0.44 0.37 -0.39
O32 GE2 C . 0.35 -0.43 0.47
C4 GE2 C . 0.48 1.21 -1.34
N6 GE2 C . 0.48 2.62 -3.42
H5 GE2 C . -1.06 2.62 -2.01
H1A GE2 C . -1.81 1.33 -4.04
H2 GE2 C . -0.58 0.13 -3.71
H1 GE2 C . -2.87 0.92 -1.76
HN11 GE2 C . -2.54 -1.47 -3.47
HN12 GE2 C . -3.61 -0.25 -3.71
H21 GE2 C . -0.81 -1.39 -1.60
H3 GE2 C . -1.03 1.08 0.23
HOW GE2 C . 0.91 0.17 0.95
H41 GE2 C . 1.22 0.52 -1.82
HN61 GE2 C . -0.09 3.05 -4.15
HN62 GE2 C . 1.11 1.97 -3.90
C5 GE3 D . -1.01 -2.58 2.23
C4 GE3 D . -2.18 -3.21 3.04
O4 GE3 D . -1.99 -4.62 3.01
C3 GE3 D . -3.54 -2.81 2.36
C2 GE3 D . -3.56 -3.06 0.82
C1 GE3 D . -2.28 -2.56 0.10
O1 GE3 D . -2.32 -1.13 -0.11
O5 GE3 D . -1.08 -2.96 0.83
O2 GE3 D . -4.69 -2.45 0.20
N1 GE3 D . -4.67 -3.55 3.03
C31 GE3 D . -5.99 -2.92 3.01
C41 GE3 D . -2.06 -2.75 4.52
H51 GE3 D . -1.02 -1.49 2.32
H52 GE3 D . -0.03 -2.91 2.64
HO4 GE3 D . -2.71 -4.99 3.53
H3 GE3 D . -3.69 -1.72 2.53
H2 GE3 D . -3.63 -4.14 0.64
H1 GE3 D . -2.22 -3.04 -0.89
HO2 GE3 D . -5.46 -2.82 0.64
HN1 GE3 D . -4.72 -4.51 2.67
H311 GE3 D . -6.43 -2.88 2.00
H312 GE3 D . -6.69 -3.48 3.65
H313 GE3 D . -5.96 -1.88 3.41
H411 GE3 D . -2.83 -3.22 5.15
H412 GE3 D . -1.07 -3.01 4.95
H413 GE3 D . -2.18 -1.65 4.62
C5 GE1 B . 4.47 2.88 -1.48
O GE1 B . 4.27 1.43 -1.43
C1 GE1 B . 3.10 0.96 -0.69
O1 GE1 B . 1.89 1.50 -1.27
C2 GE1 B . 3.26 1.41 0.80
N2 GE1 B . 2.14 0.96 1.65
C3 GE1 B . 3.42 2.95 0.87
C4 GE1 B . 4.56 3.46 -0.04
C6 GE1 B . 5.71 3.26 -2.28
N1 GE1 B . 5.79 2.61 -3.60
H5 GE1 B . 3.60 3.33 -1.99
H1 GE1 B . 3.10 -0.15 -0.74
H2 GE1 B . 4.18 0.94 1.19
HN21 GE1 B . 1.27 1.40 1.34
HN22 GE1 B . 2.29 1.28 2.61
H31 GE1 B . 3.62 3.27 1.92
H32 GE1 B . 2.48 3.45 0.58
H41 GE1 B . 5.53 3.16 0.41
H42 GE1 B . 4.56 4.56 -0.06
H61 GE1 B . 5.73 4.35 -2.44
H62 GE1 B . 6.63 3.03 -1.72
HN11 GE1 B . 6.66 2.88 -4.08
HN12 GE1 B . 5.86 1.59 -3.47
C5 GE2 C . 0.14 1.46 -2.98
C GE2 C . -0.94 0.59 -3.68
C1 GE2 C . -1.89 -0.05 -2.62
N1 GE2 C . -2.96 -0.81 -3.29
C2 GE2 C . -1.06 -0.95 -1.64
C3 GE2 C . 0.13 -0.19 -1.01
O32 GE2 C . 0.94 -1.16 -0.35
C4 GE2 C . 1.01 0.61 -2.02
N6 GE2 C . 0.97 2.15 -3.99
H5 GE2 C . -0.41 2.23 -2.41
H1A GE2 C . -1.52 1.17 -4.41
H2 GE2 C . -0.45 -0.18 -4.30
H1 GE2 C . -2.37 0.76 -2.05
HN11 GE2 C . -2.55 -1.60 -3.82
HN12 GE2 C . -3.57 -1.24 -2.60
H21 GE2 C . -0.66 -1.81 -2.22
H3 GE2 C . -0.26 0.52 -0.25
HOW GE2 C . 1.65 -0.66 0.06
H41 GE2 C . 1.61 -0.10 -2.62
HN61 GE2 C . 1.67 2.73 -3.52
HN62 GE2 C . 1.50 1.47 -4.53
C5 GE3 D . -0.60 -2.87 1.74
C4 GE3 D . -1.75 -3.37 2.65
O4 GE3 D . -1.65 -4.80 2.68
C3 GE3 D . -3.13 -2.91 2.05
C2 GE3 D . -3.26 -3.17 0.52
C1 GE3 D . -1.99 -2.81 -0.29
O1 GE3 D . -1.92 -1.38 -0.55
O5 GE3 D . -0.79 -3.30 0.37
O2 GE3 D . -4.37 -2.47 -0.05
N1 GE3 D . -4.25 -3.57 2.80
C31 GE3 D . -5.57 -2.91 2.78
C41 GE3 D . -1.50 -2.87 4.09
H51 GE3 D . -0.51 -1.77 1.79
H52 GE3 D . 0.38 -3.25 2.11
HO4 GE3 D . -0.79 -5.00 3.03
H3 GE3 D . -3.20 -1.81 2.20
H2 GE3 D . -3.46 -4.25 0.36
H1 GE3 D . -2.04 -3.33 -1.27
HO2 GE3 D . -4.18 -1.53 0.09
HN1 GE3 D . -4.33 -4.56 2.53
H311 GE3 D . -6.25 -3.39 3.50
H312 GE3 D . -5.49 -1.84 3.05
H313 GE3 D . -6.04 -2.99 1.78
H411 GE3 D . -2.26 -3.26 4.80
H412 GE3 D . -1.54 -1.76 4.15
H413 GE3 D . -0.52 -3.18 4.48
C5 GE1 B . 4.43 2.86 -1.44
O GE1 B . 4.24 1.41 -1.41
C1 GE1 B . 3.08 0.93 -0.66
O1 GE1 B . 1.85 1.48 -1.23
C2 GE1 B . 3.24 1.37 0.82
N2 GE1 B . 2.12 0.92 1.68
C3 GE1 B . 3.40 2.91 0.92
C4 GE1 B . 4.54 3.42 0.00
C6 GE1 B . 5.68 3.25 -2.26
N1 GE1 B . 5.74 2.60 -3.57
H5 GE1 B . 3.56 3.31 -1.95
H1 GE1 B . 3.07 -0.18 -0.72
H2 GE1 B . 4.16 0.90 1.22
HN21 GE1 B . 1.23 1.31 1.34
HN22 GE1 B . 2.02 -0.10 1.62
H31 GE1 B . 2.46 3.42 0.64
H32 GE1 B . 3.61 3.21 1.96
H41 GE1 B . 4.55 4.53 0.00
H42 GE1 B . 5.50 3.12 0.45
H61 GE1 B . 5.68 4.34 -2.40
H62 GE1 B . 6.60 3.02 -1.70
HN11 GE1 B . 6.56 2.94 -4.09
HN12 GE1 B . 4.93 2.88 -4.14
C5 GE2 C . 0.10 1.45 -2.95
C GE2 C . -0.99 0.59 -3.65
C1 GE2 C . -1.92 -0.05 -2.59
N1 GE2 C . -3.00 -0.81 -3.27
C2 GE2 C . -1.11 -0.95 -1.61
C3 GE2 C . 0.10 -0.21 -0.98
O32 GE2 C . 0.90 -1.18 -0.32
C4 GE2 C . 0.98 0.59 -1.99
N6 GE2 C . 0.93 2.15 -3.95
H5 GE2 C . -0.43 2.23 -2.37
H1A GE2 C . -1.57 1.18 -4.38
H2 GE2 C . -0.49 -0.18 -4.27
H1 GE2 C . -2.40 0.75 -2.00
HN11 GE2 C . -3.65 -1.18 -2.57
HN12 GE2 C . -3.54 -0.18 -3.86
H21 GE2 C . -0.71 -1.81 -2.20
H3 GE2 C . -0.30 0.49 -0.22
HOW GE2 C . 1.61 -0.69 0.10
H41 GE2 C . 1.58 -0.12 -2.59
HN61 GE2 C . 1.46 1.47 -4.51
HN62 GE2 C . 1.64 2.72 -3.48
C5 GE3 D . -0.63 -2.91 1.76
C4 GE3 D . -1.79 -3.43 2.65
O4 GE3 D . -1.70 -4.85 2.66
C3 GE3 D . -3.17 -2.95 2.06
C2 GE3 D . -3.30 -3.19 0.52
C1 GE3 D . -2.03 -2.83 -0.28
O1 GE3 D . -1.96 -1.40 -0.52
O5 GE3 D . -0.84 -3.33 0.38
O2 GE3 D . -4.41 -2.47 -0.02
N1 GE3 D . -4.27 -3.63 2.82
C31 GE3 D . -5.60 -2.95 2.81
C41 GE3 D . -1.54 -2.94 4.10
H51 GE3 D . -0.55 -1.80 1.81
H52 GE3 D . 0.34 -3.29 2.10
HO4 GE3 D . -2.40 -5.16 3.24
H3 GE3 D . -3.23 -1.85 2.23
H2 GE3 D . -3.51 -4.26 0.36
H1 GE3 D . -2.08 -3.33 -1.26
HO2 GE3 D . -5.18 -2.77 0.46
HN1 GE3 D . -3.98 -3.75 3.79
H311 GE3 D . -5.52 -1.90 3.13
H312 GE3 D . -6.05 -2.97 1.80
H313 GE3 D . -6.28 -3.48 3.49
H411 GE3 D . -0.54 -3.26 4.49
H412 GE3 D . -1.57 -1.84 4.18
H413 GE3 D . -2.28 -3.34 4.81
C5 GE1 B . 4.82 2.77 -2.11
O GE1 B . 4.48 1.40 -1.79
C1 GE1 B . 3.31 1.20 -0.94
O1 GE1 B . 2.11 1.71 -1.59
C2 GE1 B . 3.55 1.90 0.43
N2 GE1 B . 2.41 1.76 1.35
C3 GE1 B . 3.89 3.41 0.21
C4 GE1 B . 5.04 3.59 -0.81
C6 GE1 B . 6.07 2.87 -3.02
N1 GE1 B . 6.16 1.82 -4.05
H5 GE1 B . 3.98 3.22 -2.66
H1 GE1 B . 3.21 0.10 -0.77
H2 GE1 B . 4.42 1.42 0.90
HN21 GE1 B . 2.24 0.76 1.54
HN22 GE1 B . 2.64 2.18 2.26
H31 GE1 B . 4.16 3.88 1.17
H32 GE1 B . 3.00 3.95 -0.15
H41 GE1 B . 5.97 3.26 -0.32
H42 GE1 B . 5.18 4.66 -1.02
H61 GE1 B . 6.99 2.86 -2.42
H62 GE1 B . 6.06 3.85 -3.52
HN11 GE1 B . 6.25 0.89 -3.60
HN12 GE1 B . 7.02 1.94 -4.59
C5 GE2 C . 0.37 1.53 -3.31
C GE2 C . -0.72 0.63 -3.92
C1 GE2 C . -1.69 0.09 -2.81
N1 GE2 C . -2.74 -0.73 -3.43
C2 GE2 C . -0.89 -0.69 -1.73
C3 GE2 C . 0.26 0.16 -1.15
O32 GE2 C . 1.02 -0.67 -0.28
C4 GE2 C . 1.20 0.78 -2.22
N6 GE2 C . 1.26 2.07 -4.37
H5 GE2 C . -0.16 2.39 -2.86
H1A GE2 C . -1.28 1.14 -4.72
H2 GE2 C . -0.23 -0.22 -4.45
H1 GE2 C . -2.18 0.96 -2.34
HN11 GE2 C . -3.37 -1.09 -2.70
HN12 GE2 C . -2.33 -1.56 -3.87
H21 GE2 C . -0.43 -1.56 -2.24
H3 GE2 C . -0.18 0.98 -0.54
HOW GE2 C . 0.41 -1.00 0.38
H41 GE2 C . 1.77 -0.03 -2.71
HN61 GE2 C . 1.97 2.69 -3.96
HN62 GE2 C . 1.77 1.30 -4.81
C5 GE3 D . -0.37 -2.64 1.61
C4 GE3 D . -1.50 -3.16 2.55
O4 GE3 D . -1.41 -4.57 2.56
C3 GE3 D . -2.90 -2.67 2.01
C2 GE3 D . -3.08 -2.89 0.47
C1 GE3 D . -1.83 -2.53 -0.37
O1 GE3 D . -1.75 -1.10 -0.63
O5 GE3 D . -0.61 -3.04 0.24
O2 GE3 D . -4.19 -2.15 -0.03
N1 GE3 D . -3.97 -3.35 2.80
C31 GE3 D . -5.31 -2.73 2.77
C41 GE3 D . -1.19 -2.67 3.98
H51 GE3 D . 0.62 -3.04 1.93
H52 GE3 D . -0.29 -1.54 1.67
HO4 GE3 D . -2.09 -4.88 3.16
H3 GE3 D . -2.96 -1.58 2.20
H2 GE3 D . -3.30 -3.96 0.29
H1 GE3 D . -1.93 -3.03 -1.36
HO2 GE3 D . -4.26 -2.36 -0.96
HN1 GE3 D . -3.67 -3.44 3.77
H311 GE3 D . -5.28 -1.66 3.04
H312 GE3 D . -5.97 -3.24 3.50
H313 GE3 D . -5.79 -2.83 1.79
H411 GE3 D . -1.91 -3.07 4.72
H412 GE3 D . -1.22 -1.56 4.08
H413 GE3 D . -0.18 -2.99 4.33
C5 GE1 B . 4.30 2.63 -0.67
O GE1 B . 3.72 1.31 -0.47
C1 GE1 B . 2.56 1.19 0.40
O1 GE1 B . 1.38 1.80 -0.22
C2 GE1 B . 2.87 1.82 1.79
N2 GE1 B . 1.69 1.80 2.69
C3 GE1 B . 3.42 3.26 1.64
C4 GE1 B . 4.63 3.30 0.69
C6 GE1 B . 5.52 2.43 -1.58
N1 GE1 B . 6.11 3.68 -2.06
H5 GE1 B . 3.56 3.25 -1.20
H1 GE1 B . 2.40 0.11 0.55
H2 GE1 B . 3.65 1.20 2.28
HN21 GE1 B . 0.94 2.40 2.31
HN22 GE1 B . 1.92 2.21 3.59
H31 GE1 B . 3.72 3.67 2.63
H32 GE1 B . 2.63 3.94 1.27
H41 GE1 B . 4.96 4.34 0.54
H42 GE1 B . 5.48 2.77 1.16
H61 GE1 B . 5.24 1.81 -2.45
H62 GE1 B . 6.27 1.84 -1.05
HN11 GE1 B . 6.90 3.48 -2.69
HN12 GE1 B . 5.43 4.20 -2.63
C5 GE2 C . -0.20 1.75 -2.14
C GE2 C . -1.15 0.85 -2.97
C1 GE2 C . -2.20 0.18 -2.03
N1 GE2 C . -3.12 -0.65 -2.85
C2 GE2 C . -1.51 -0.66 -0.91
C3 GE2 C . -0.49 0.21 -0.13
O32 GE2 C . 0.18 -0.64 0.79
C4 GE2 C . 0.55 0.94 -1.03
N6 GE2 C . 0.76 2.45 -3.02
H5 GE2 C . -0.83 2.53 -1.66
H1A GE2 C . -1.64 1.43 -3.76
H2 GE2 C . -0.56 0.11 -3.52
H1 GE2 C . -2.81 0.97 -1.56
HN11 GE2 C . -3.81 -1.10 -2.24
HN12 GE2 C . -2.60 -1.42 -3.28
H21 GE2 C . -0.96 -1.49 -1.37
H3 GE2 C . -1.04 0.97 0.46
HOW GE2 C . 0.64 -1.29 0.26
H41 GE2 C . 1.17 0.17 -1.54
HN61 GE2 C . 1.33 3.11 -2.47
HN62 GE2 C . 0.25 3.03 -3.70
C5 GE3 D . -1.39 -2.74 2.39
C4 GE3 D . -2.62 -3.26 3.16
O4 GE3 D . -2.52 -4.69 3.16
C3 GE3 D . -3.94 -2.78 2.46
C2 GE3 D . -3.93 -2.98 0.90
C1 GE3 D . -2.59 -2.58 0.23
O1 GE3 D . -2.50 -1.13 0.04
O5 GE3 D . -1.46 -3.09 0.98
O2 GE3 D . -4.98 -2.25 0.28
N1 GE3 D . -5.12 -3.46 3.08
C31 GE3 D . -6.43 -2.80 2.96
C41 GE3 D . -2.50 -2.80 4.64
H51 GE3 D . -1.32 -1.64 2.50
H52 GE3 D . -0.45 -3.14 2.81
HO4 GE3 D . -2.55 -4.95 2.24
H3 GE3 D . -4.02 -1.69 2.65
H2 GE3 D . -4.10 -4.04 0.69
H1 GE3 D . -2.57 -3.05 -0.77
HO2 GE3 D . -4.93 -2.45 -0.65
HN1 GE3 D . -5.17 -4.43 2.76
H311 GE3 D . -7.17 -3.30 3.61
H312 GE3 D . -6.38 -1.73 3.27
H313 GE3 D . -6.82 -2.84 1.92
H411 GE3 D . -3.32 -3.21 5.26
H412 GE3 D . -2.56 -1.70 4.73
H413 GE3 D . -1.56 -3.13 5.11
C5 GE1 B . 4.45 2.85 -1.43
O GE1 B . 4.26 1.40 -1.40
C1 GE1 B . 3.09 0.92 -0.66
O1 GE1 B . 1.86 1.46 -1.25
C2 GE1 B . 3.23 1.37 0.83
N2 GE1 B . 2.11 0.90 1.68
C3 GE1 B . 3.39 2.90 0.92
C4 GE1 B . 4.53 3.42 0.01
C6 GE1 B . 5.69 3.25 -2.23
N1 GE1 B . 5.77 2.61 -3.55
H5 GE1 B . 3.58 3.31 -1.94
H1 GE1 B . 3.08 -0.18 -0.71
H2 GE1 B . 4.15 0.89 1.23
HN21 GE1 B . 2.01 -0.12 1.61
HN22 GE1 B . 1.23 1.29 1.33
H31 GE1 B . 3.58 3.21 1.97
H32 GE1 B . 2.44 3.41 0.63
H41 GE1 B . 5.49 3.12 0.47
H42 GE1 B . 4.53 4.52 0.01
H61 GE1 B . 5.71 4.35 -2.37
H62 GE1 B . 6.61 3.02 -1.66
HN11 GE1 B . 6.60 2.94 -4.05
HN12 GE1 B . 4.97 2.88 -4.12
C5 GE2 C . 0.11 1.44 -2.96
C GE2 C . -0.96 0.56 -3.66
C1 GE2 C . -1.90 -0.08 -2.60
N1 GE2 C . -2.98 -0.84 -3.28
C2 GE2 C . -1.09 -0.98 -1.63
C3 GE2 C . 0.11 -0.23 -0.99
O32 GE2 C . 0.92 -1.20 -0.34
C4 GE2 C . 0.99 0.58 -2.00
N6 GE2 C . 0.95 2.13 -3.96
H5 GE2 C . -0.42 2.20 -2.38
H1A GE2 C . -1.54 1.15 -4.39
H2 GE2 C . -0.47 -0.20 -4.28
H1 GE2 C . -2.38 0.73 -2.02
HN11 GE2 C . -2.57 -1.62 -3.81
HN12 GE2 C . -3.59 -1.26 -2.58
H21 GE2 C . -0.69 -1.84 -2.20
H3 GE2 C . -0.28 0.47 -0.23
HOW GE2 C . 1.63 -0.71 0.08
H41 GE2 C . 1.59 -0.13 -2.60
HN61 GE2 C . 1.66 2.70 -3.48
HN62 GE2 C . 1.48 1.45 -4.51
C5 GE3 D . -0.63 -2.90 1.76
C4 GE3 D . -1.78 -3.41 2.67
O4 GE3 D . -1.69 -4.83 2.69
C3 GE3 D . -3.16 -2.94 2.07
C2 GE3 D . -3.29 -3.19 0.52
C1 GE3 D . -2.02 -2.84 -0.28
O1 GE3 D . -1.94 -1.41 -0.53
O5 GE3 D . -0.82 -3.33 0.40
O2 GE3 D . -4.39 -2.48 -0.03
N1 GE3 D . -4.27 -3.60 2.82
C31 GE3 D . -5.59 -2.94 2.80
C41 GE3 D . -1.53 -2.90 4.11
H51 GE3 D . -0.55 -1.79 1.80
H52 GE3 D . 0.35 -3.28 2.12
HO4 GE3 D . -0.82 -5.03 3.05
H3 GE3 D . -3.23 -1.84 2.22
H2 GE3 D . -3.49 -4.27 0.37
H1 GE3 D . -2.06 -3.35 -1.26
HO2 GE3 D . -4.20 -1.55 0.10
HN1 GE3 D . -3.98 -3.71 3.80
H311 GE3 D . -5.52 -1.88 3.11
H312 GE3 D . -6.29 -3.44 3.48
H313 GE3 D . -6.05 -2.96 1.78
H411 GE3 D . -0.55 -3.21 4.49
H412 GE3 D . -1.58 -1.79 4.17
H413 GE3 D . -2.29 -3.29 4.82
C5 GE1 B . 4.05 4.02 -0.66
O GE1 B . 3.79 2.59 -0.55
C1 GE1 B . 2.51 2.16 0.00
O1 GE1 B . 1.40 2.50 -0.88
C2 GE1 B . 2.32 2.81 1.41
N2 GE1 B . 1.06 2.42 2.06
C3 GE1 B . 2.43 4.35 1.30
C4 GE1 B . 3.76 4.77 0.67
C6 GE1 B . 5.53 4.24 -1.03
N1 GE1 B . 5.94 3.59 -2.30
H5 GE1 B . 3.42 4.45 -1.46
H1 GE1 B . 2.58 1.06 0.11
H2 GE1 B . 3.15 2.45 2.06
HN21 GE1 B . 0.25 2.76 1.52
HN22 GE1 B . 0.98 2.87 2.98
H31 GE1 B . 2.33 4.81 2.29
H32 GE1 B . 1.58 4.75 0.70
H41 GE1 B . 4.56 4.58 1.40
H42 GE1 B . 3.76 5.87 0.50
H61 GE1 B . 6.19 3.85 -0.23
H62 GE1 B . 5.76 5.32 -1.12
HN11 GE1 B . 5.81 2.57 -2.21
HN12 GE1 B . 6.93 3.74 -2.47
C5 GE2 C . -0.20 2.06 -2.69
C GE2 C . -1.10 0.99 -3.38
C1 GE2 C . -2.02 0.30 -2.34
N1 GE2 C . -2.92 -0.65 -3.02
C2 GE2 C . -1.16 -0.39 -1.25
C3 GE2 C . -0.19 0.60 -0.58
O32 GE2 C . 0.64 -0.17 0.28
C4 GE2 C . 0.69 1.42 -1.57
N6 GE2 C . 0.60 2.76 -3.70
H5 GE2 C . -0.89 2.80 -2.25
H1A GE2 C . -1.69 1.43 -4.20
H2 GE2 C . -0.44 0.26 -3.86
H1 GE2 C . -2.66 1.07 -1.85
HN11 GE2 C . -3.51 -0.14 -3.70
HN12 GE2 C . -3.58 -1.06 -2.35
H21 GE2 C . -0.56 -1.19 -1.73
H3 GE2 C . -0.77 1.30 0.04
HOW GE2 C . 1.22 0.46 0.72
H41 GE2 C . 1.42 0.74 -2.04
HN61 GE2 C . 1.14 3.51 -3.27
HN62 GE2 C . 0.00 3.21 -4.39
C5 GE3 D . -0.55 -2.36 2.09
C4 GE3 D . -1.65 -3.02 2.95
O4 GE3 D . -1.42 -4.42 2.92
C3 GE3 D . -3.06 -2.66 2.36
C2 GE3 D . -3.15 -2.91 0.81
C1 GE3 D . -1.91 -2.38 0.02
O1 GE3 D . -2.01 -0.95 -0.20
O5 GE3 D . -0.67 -2.75 0.69
O2 GE3 D . -4.32 -2.32 0.25
N1 GE3 D . -4.12 -3.43 3.07
C31 GE3 D . -5.47 -2.85 3.10
C41 GE3 D . -1.47 -2.54 4.41
H51 GE3 D . -0.58 -1.26 2.18
H52 GE3 D . 0.47 -2.65 2.44
HO4 GE3 D . -2.09 -4.81 3.48
H3 GE3 D . -3.22 -1.58 2.52
H2 GE3 D . -3.21 -3.99 0.63
H1 GE3 D . -1.90 -2.87 -0.96
HO2 GE3 D . -4.32 -2.55 -0.68
HN1 GE3 D . -4.15 -4.41 2.73
H311 GE3 D . -6.12 -3.44 3.78
H312 GE3 D . -5.46 -1.80 3.47
H313 GE3 D . -5.95 -2.87 2.11
H411 GE3 D . -0.46 -2.78 4.81
H412 GE3 D . -2.18 -3.04 5.10
H413 GE3 D . -1.62 -1.46 4.53
C5 GE1 B . 4.62 2.51 -1.52
O GE1 B . 4.27 1.09 -1.43
C1 GE1 B . 3.11 0.76 -0.60
O1 GE1 B . 1.91 1.38 -1.16
C2 GE1 B . 3.38 1.22 0.85
N2 GE1 B . 2.25 0.93 1.76
C3 GE1 B . 3.72 2.74 0.88
C4 GE1 B . 4.87 3.09 -0.09
C6 GE1 B . 5.85 2.69 -2.41
N1 GE1 B . 5.68 2.09 -3.75
H5 GE1 B . 3.76 3.05 -1.97
H1 GE1 B . 3.00 -0.35 -0.61
H2 GE1 B . 4.26 0.67 1.24
HN21 GE1 B . 1.40 1.41 1.43
HN22 GE1 B . 2.03 -0.07 1.74
H31 GE1 B . 2.83 3.34 0.62
H32 GE1 B . 4.00 3.06 1.90
H41 GE1 B . 5.80 2.67 0.31
H42 GE1 B . 5.02 4.18 -0.13
H61 GE1 B . 6.72 2.23 -1.93
H62 GE1 B . 6.09 3.76 -2.53
HN11 GE1 B . 5.54 1.08 -3.67
HN12 GE1 B . 6.55 2.21 -4.29
C5 GE2 C . 0.22 1.43 -2.94
C GE2 C . -0.91 0.64 -3.64
C1 GE2 C . -1.90 0.05 -2.60
N1 GE2 C . -3.01 -0.66 -3.28
C2 GE2 C . -1.16 -0.88 -1.60
C3 GE2 C . 0.04 -0.17 -0.93
O32 GE2 C . 0.77 -1.14 -0.20
C4 GE2 C . 1.00 0.54 -1.93
N6 GE2 C . 1.14 2.03 -3.93
H5 GE2 C . -0.27 2.26 -2.39
H1A GE2 C . -1.44 1.25 -4.38
H2 GE2 C . -0.46 -0.16 -4.25
H1 GE2 C . -2.36 0.90 -2.03
HN11 GE2 C . -3.66 -1.04 -2.59
HN12 GE2 C . -2.63 -1.46 -3.80
H21 GE2 C . -0.77 -1.75 -2.16
H3 GE2 C . -0.35 0.58 -0.21
HOW GE2 C . 1.09 -1.78 -0.85
H41 GE2 C . 1.56 -0.22 -2.49
HN61 GE2 C . 1.57 1.29 -4.50
HN62 GE2 C . 0.60 2.60 -4.60
C5 GE3 D . -0.80 -2.93 1.72
C4 GE3 D . -1.98 -3.42 2.61
O4 GE3 D . -1.93 -4.84 2.60
C3 GE3 D . -3.35 -2.89 2.03
C2 GE3 D . -3.48 -3.08 0.47
C1 GE3 D . -2.20 -2.75 -0.32
O1 GE3 D . -2.06 -1.31 -0.52
O5 GE3 D . -1.02 -3.31 0.33
O2 GE3 D . -4.55 -2.30 -0.04
N1 GE3 D . -4.47 -3.55 2.76
C31 GE3 D . -5.79 -2.90 2.71
C41 GE3 D . -1.71 -2.96 4.06
H51 GE3 D . -0.69 -1.83 1.80
H52 GE3 D . 0.15 -3.36 2.06
HO4 GE3 D . -1.07 -5.09 2.94
H3 GE3 D . -3.38 -1.80 2.23
H2 GE3 D . -3.73 -4.14 0.27
H1 GE3 D . -2.28 -3.22 -1.31
HO2 GE3 D . -4.60 -2.50 -0.98
HN1 GE3 D . -4.20 -3.65 3.75
H311 GE3 D . -5.73 -1.83 2.97
H312 GE3 D . -6.49 -3.38 3.40
H313 GE3 D . -6.24 -2.97 1.70
H411 GE3 D . -0.73 -3.33 4.43
H412 GE3 D . -2.47 -3.35 4.76
H413 GE3 D . -1.71 -1.87 4.15
C5 GE1 B . 3.98 3.73 -0.46
O GE1 B . 3.71 2.28 -0.42
C1 GE1 B . 2.44 1.83 0.12
O1 GE1 B . 1.33 2.22 -0.73
C2 GE1 B . 2.27 2.40 1.57
N2 GE1 B . 1.01 1.99 2.21
C3 GE1 B . 2.38 3.95 1.54
C4 GE1 B . 3.70 4.40 0.91
C6 GE1 B . 5.44 3.97 -0.86
N1 GE1 B . 5.81 3.38 -2.16
H5 GE1 B . 3.32 4.18 -1.21
H1 GE1 B . 2.51 0.72 0.17
H2 GE1 B . 3.09 2.00 2.19
HN21 GE1 B . 0.94 2.39 3.15
HN22 GE1 B . 0.20 2.36 1.69
H31 GE1 B . 1.53 4.39 0.97
H32 GE1 B . 2.30 4.36 2.55
H41 GE1 B . 3.71 5.50 0.81
H42 GE1 B . 4.52 4.16 1.62
H61 GE1 B . 6.12 3.55 -0.09
H62 GE1 B . 5.65 5.06 -0.90
HN11 GE1 B . 6.79 3.60 -2.38
HN12 GE1 B . 5.26 3.80 -2.91
C5 GE2 C . -0.29 1.88 -2.56
C GE2 C . -1.19 0.86 -3.29
C1 GE2 C . -2.12 0.13 -2.28
N1 GE2 C . -3.03 -0.77 -3.00
C2 GE2 C . -1.28 -0.62 -1.21
C3 GE2 C . -0.28 0.32 -0.51
O32 GE2 C . 0.56 -0.50 0.29
C4 GE2 C . 0.61 1.19 -1.48
N6 GE2 C . 0.52 2.63 -3.54
H5 GE2 C . -0.96 2.60 -2.07
H1A GE2 C . -1.78 1.34 -4.09
H2 GE2 C . -0.54 0.14 -3.83
H1 GE2 C . -2.75 0.89 -1.77
HN11 GE2 C . -3.70 -1.21 -2.35
HN12 GE2 C . -3.61 -0.25 -3.67
H21 GE2 C . -0.70 -1.42 -1.72
H3 GE2 C . -0.84 1.01 0.15
HOW GE2 C . 1.15 0.09 0.76
H41 GE2 C . 1.33 0.52 -1.99
HN61 GE2 C . -0.09 3.12 -4.20
HN62 GE2 C . 1.07 3.36 -3.05
C5 GE3 D . -0.76 -2.67 2.10
C4 GE3 D . -1.92 -3.25 2.95
O4 GE3 D . -1.76 -4.67 2.95
C3 GE3 D . -3.30 -2.83 2.32
C2 GE3 D . -3.37 -3.08 0.78
C1 GE3 D . -2.11 -2.60 0.02
O1 GE3 D . -2.14 -1.16 -0.17
O5 GE3 D . -0.90 -3.03 0.70
O2 GE3 D . -4.52 -2.45 0.20
N1 GE3 D . -4.41 -3.55 3.03
C31 GE3 D . -5.74 -2.90 3.04
C41 GE3 D . -1.74 -2.77 4.42
H51 GE3 D . 0.21 -3.03 2.47
H52 GE3 D . -0.72 -1.57 2.19
HO4 GE3 D . -1.83 -4.93 2.04
H3 GE3 D . -3.41 -1.74 2.48
H2 GE3 D . -3.48 -4.16 0.60
H1 GE3 D . -2.09 -3.06 -0.97
HO2 GE3 D . -4.41 -1.51 0.35
HN1 GE3 D . -4.48 -4.52 2.69
H311 GE3 D . -6.42 -3.44 3.70
H312 GE3 D . -6.20 -2.89 2.04
H313 GE3 D . -5.68 -1.85 3.40
H411 GE3 D . -1.84 -1.67 4.50
H412 GE3 D . -2.50 -3.21 5.09
H413 GE3 D . -0.76 -3.05 4.82
C5 GE1 B . 4.23 4.39 -2.01
O GE1 B . 4.11 2.93 -2.14
C1 GE1 B . 3.19 2.24 -1.24
O1 GE1 B . 1.81 2.54 -1.62
C2 GE1 B . 3.49 2.62 0.24
N2 GE1 B . 2.53 2.05 1.21
C3 GE1 B . 3.58 4.15 0.44
C4 GE1 B . 4.57 4.77 -0.56
C6 GE1 B . 5.24 4.98 -3.02
N1 GE1 B . 6.49 4.22 -3.16
H5 GE1 B . 3.25 4.84 -2.23
H1 GE1 B . 3.39 1.15 -1.35
H2 GE1 B . 4.47 2.19 0.49
HN21 GE1 B . 2.53 1.02 1.14
HN22 GE1 B . 2.82 2.26 2.17
H31 GE1 B . 2.59 4.62 0.30
H32 GE1 B . 3.90 4.39 1.47
H41 GE1 B . 5.59 4.45 -0.31
H42 GE1 B . 4.57 5.88 -0.45
H61 GE1 B . 4.77 5.06 -4.01
H62 GE1 B . 5.48 6.02 -2.74
HN11 GE1 B . 6.99 4.21 -2.26
HN12 GE1 B . 7.12 4.70 -3.82
C5 GE2 C . -0.15 2.10 -3.07
C GE2 C . -1.08 0.99 -3.62
C1 GE2 C . -1.73 0.22 -2.45
N1 GE2 C . -2.70 -0.76 -2.97
C2 GE2 C . -0.64 -0.46 -1.58
C3 GE2 C . 0.48 0.53 -1.13
O32 GE2 C . 1.54 -0.24 -0.60
C4 GE2 C . 1.03 1.48 -2.24
N6 GE2 C . 0.35 2.95 -4.17
H5 GE2 C . -0.75 2.75 -2.42
H1A GE2 C . -1.83 1.40 -4.32
H2 GE2 C . -0.50 0.30 -4.25
H1 GE2 C . -2.29 0.93 -1.81
HN11 GE2 C . -2.21 -1.47 -3.54
HN12 GE2 C . -3.13 -1.29 -2.20
H21 GE2 C . -0.14 -1.24 -2.20
H3 GE2 C . 0.06 1.16 -0.31
HOW GE2 C . 1.17 -0.77 0.11
H41 GE2 C . 1.66 0.89 -2.93
HN61 GE2 C . -0.43 3.33 -4.70
HN62 GE2 C . 0.89 2.37 -4.83
C5 GE3 D . 0.67 -2.18 1.71
C4 GE3 D . -0.24 -2.87 2.77
O4 GE3 D . 0.12 -4.26 2.77
C3 GE3 D . -1.75 -2.69 2.35
C2 GE3 D . -2.02 -3.02 0.85
C1 GE3 D . -0.97 -2.43 -0.13
O1 GE3 D . -1.22 -1.02 -0.37
O5 GE3 D . 0.38 -2.66 0.38
O2 GE3 D . -3.32 -2.57 0.44
N1 GE3 D . -2.61 -3.52 3.25
C31 GE3 D . -3.99 -3.04 3.47
C41 GE3 D . 0.10 -2.31 4.16
H51 GE3 D . 0.55 -1.08 1.76
H52 GE3 D . 1.74 -2.36 1.93
HO4 GE3 D . -0.43 -4.68 3.42
H3 GE3 D . -1.99 -1.61 2.51
H2 GE3 D . -2.01 -4.11 0.72
H1 GE3 D . -1.05 -2.97 -1.08
HO2 GE3 D . -3.31 -1.61 0.54
HN1 GE3 D . -2.61 -4.50 2.94
H311 GE3 D . -4.60 -3.09 2.55
H312 GE3 D . -4.49 -3.67 4.22
H313 GE3 D . -4.01 -2.00 3.83
H411 GE3 D . -0.47 -2.82 4.96
H412 GE3 D . -0.13 -1.23 4.25
H413 GE3 D . 1.17 -2.43 4.41
C5 GE1 B . 4.80 2.82 -2.19
O GE1 B . 4.45 1.43 -1.88
C1 GE1 B . 3.25 1.25 -1.07
O1 GE1 B . 2.09 1.80 -1.75
C2 GE1 B . 3.45 1.95 0.30
N2 GE1 B . 2.28 1.80 1.20
C3 GE1 B . 3.80 3.45 0.09
C4 GE1 B . 4.98 3.64 -0.89
C6 GE1 B . 6.07 2.91 -3.07
N1 GE1 B . 6.19 1.87 -4.10
H5 GE1 B . 3.97 3.25 -2.77
H1 GE1 B . 3.11 0.16 -0.91
H2 GE1 B . 4.30 1.47 0.81
HN21 GE1 B . 2.10 0.82 1.39
HN22 GE1 B . 2.49 2.23 2.11
H31 GE1 B . 2.92 4.00 -0.29
H32 GE1 B . 4.05 3.93 1.06
H41 GE1 B . 5.89 3.31 -0.37
H42 GE1 B . 5.11 4.71 -1.11
H61 GE1 B . 6.09 3.90 -3.56
H62 GE1 B . 6.98 2.88 -2.44
HN11 GE1 B . 7.03 2.03 -4.66
HN12 GE1 B . 5.40 1.94 -4.76
C5 GE2 C . 0.38 1.66 -3.51
C GE2 C . -0.76 0.80 -4.10
C1 GE2 C . -1.76 0.37 -2.99
N1 GE2 C . -2.88 -0.40 -3.59
C2 GE2 C . -1.03 -0.45 -1.90
C3 GE2 C . 0.20 0.31 -1.32
O32 GE2 C . 0.90 -0.61 -0.50
C4 GE2 C . 1.16 0.88 -2.40
N6 GE2 C . 1.29 2.13 -4.56
H5 GE2 C . -0.11 2.55 -3.05
H1A GE2 C . -1.27 1.32 -4.93
H2 GE2 C . -0.31 -0.09 -4.59
H1 GE2 C . -2.20 1.28 -2.54
HN11 GE2 C . -2.51 -1.27 -4.01
HN12 GE2 C . -3.54 -0.69 -2.87
H21 GE2 C . -0.68 -1.39 -2.35
H3 GE2 C . -0.16 1.14 -0.70
HOW GE2 C . 1.21 -1.31 -1.07
H41 GE2 C . 1.71 0.05 -2.87
HN61 GE2 C . 2.00 2.76 -4.16
HN62 GE2 C . 0.78 2.69 -5.25
C5 GE3 D . -0.70 -2.22 1.63
C4 GE3 D . -1.92 -2.28 2.59
O4 GE3 D . -2.21 -3.65 2.82
C3 GE3 D . -3.15 -1.56 1.89
C2 GE3 D . -3.41 -2.20 0.48
C1 GE3 D . -2.13 -2.09 -0.40
O1 GE3 D . -1.92 -0.70 -0.77
O5 GE3 D . -1.00 -2.69 0.29
O2 GE3 D . -4.50 -1.57 -0.19
N1 GE3 D . -4.39 -1.45 2.73
C31 GE3 D . -5.20 -2.66 2.99
C41 GE3 D . -1.52 -1.66 3.94
H51 GE3 D . -0.33 -1.17 1.58
H52 GE3 D . 0.14 -2.80 2.04
HO4 GE3 D . -2.96 -3.67 3.43
H3 GE3 D . -2.84 -0.52 1.71
H2 GE3 D . -3.65 -3.28 0.59
H1 GE3 D . -2.28 -2.65 -1.33
HO2 GE3 D . -4.24 -0.65 -0.31
HN1 GE3 D . -4.15 -0.99 3.62
H311 GE3 D . -6.04 -2.40 3.66
H312 GE3 D . -5.63 -3.05 2.05
H313 GE3 D . -4.62 -3.45 3.49
H411 GE3 D . -2.34 -1.71 4.68
H412 GE3 D . -0.65 -2.17 4.39
H413 GE3 D . -1.25 -0.58 3.83
C5 GE1 B . 3.60 3.76 -0.82
O GE1 B . 2.99 2.43 -0.60
C1 GE1 B . 1.80 2.30 0.24
O1 GE1 B . 0.60 2.62 -0.54
C2 GE1 B . 1.91 3.13 1.55
N2 GE1 B . 0.65 3.14 2.32
C3 GE1 B . 2.39 4.58 1.27
C4 GE1 B . 3.73 4.55 0.51
C6 GE1 B . 4.97 3.61 -1.53
N1 GE1 B . 5.70 2.37 -1.25
H5 GE1 B . 2.93 4.34 -1.47
H1 GE1 B . 1.78 1.24 0.54
H2 GE1 B . 2.68 2.65 2.19
HN21 GE1 B . 0.39 2.18 2.57
HN22 GE1 B . 0.79 3.64 3.21
H31 GE1 B . 2.52 5.14 2.22
H32 GE1 B . 1.64 5.14 0.69
H41 GE1 B . 4.06 5.58 0.31
H42 GE1 B . 4.51 4.11 1.15
H61 GE1 B . 5.64 4.47 -1.29
H62 GE1 B . 4.83 3.69 -2.62
HN11 GE1 B . 5.15 1.56 -1.55
HN12 GE1 B . 6.57 2.34 -1.78
C5 GE2 C . -0.81 1.99 -2.52
C GE2 C . -1.48 0.80 -3.25
C1 GE2 C . -2.42 0.01 -2.30
N1 GE2 C . -3.03 -1.12 -3.03
C2 GE2 C . -1.67 -0.47 -1.03
C3 GE2 C . -1.02 0.74 -0.30
O32 GE2 C . -0.37 0.30 0.87
C4 GE2 C . -0.03 1.50 -1.24
N6 GE2 C . 0.07 2.73 -3.44
H5 GE2 C . -1.62 2.67 -2.22
H1A GE2 C . -2.03 1.14 -4.14
H2 GE2 C . -0.69 0.14 -3.66
H1 GE2 C . -3.24 0.67 -1.99
HN11 GE2 C . -3.57 -0.77 -3.83
HN12 GE2 C . -3.71 -1.60 -2.43
H21 GE2 C . -0.85 -1.15 -1.35
H3 GE2 C . -1.83 1.43 0.01
HOW GE2 C . -0.02 1.09 1.30
H41 GE2 C . 0.75 0.80 -1.58
HN61 GE2 C . -0.46 3.02 -4.27
HN62 GE2 C . 0.81 2.11 -3.79
C5 GE3 D . -0.73 -3.39 2.15
C4 GE3 D . -1.92 -3.76 3.10
O4 GE3 D . -1.91 -5.19 3.19
C3 GE3 D . -3.32 -3.23 2.57
C2 GE3 D . -3.37 -3.22 1.00
C1 GE3 D . -2.17 -2.46 0.36
O1 GE3 D . -2.58 -1.15 -0.11
O5 GE3 D . -1.06 -2.28 1.29
O2 GE3 D . -4.60 -2.69 0.51
N1 GE3 D . -4.44 -4.00 3.16
C31 GE3 D . -5.70 -3.27 3.39
C41 GE3 D . -1.64 -3.23 4.53
H51 GE3 D . 0.20 -3.15 2.72
H52 GE3 D . -0.44 -4.24 1.52
HO4 GE3 D . -1.05 -5.43 3.52
H3 GE3 D . -3.39 -2.17 2.88
H2 GE3 D . -3.31 -4.26 0.67
H1 GE3 D . -1.82 -3.06 -0.50
HO2 GE3 D . -5.30 -3.23 0.91
HN1 GE3 D . -4.13 -4.42 4.05
H311 GE3 D . -5.55 -2.43 4.10
H312 GE3 D . -6.45 -3.95 3.84
H313 GE3 D . -6.13 -2.88 2.46
H411 GE3 D . -0.70 -3.63 4.93
H412 GE3 D . -1.57 -2.12 4.56
H413 GE3 D . -2.44 -3.53 5.24
C5 GE1 B . 4.68 2.77 -1.82
O GE1 B . 4.40 1.34 -1.62
C1 GE1 B . 3.22 1.03 -0.81
O1 GE1 B . 2.02 1.57 -1.44
C2 GE1 B . 3.42 1.63 0.61
N2 GE1 B . 2.28 1.34 1.51
C3 GE1 B . 3.68 3.15 0.53
C4 GE1 B . 4.84 3.48 -0.44
C6 GE1 B . 5.95 2.97 -2.67
N1 GE1 B . 6.04 2.08 -3.85
H5 GE1 B . 3.84 3.21 -2.37
H1 GE1 B . 3.15 -0.07 -0.75
H2 GE1 B . 4.30 1.14 1.06
HN21 GE1 B . 1.42 1.80 1.16
HN22 GE1 B . 2.45 1.75 2.43
H31 GE1 B . 2.77 3.69 0.20
H32 GE1 B . 3.92 3.56 1.53
H41 GE1 B . 5.78 3.16 0.03
H42 GE1 B . 4.92 4.57 -0.58
H61 GE1 B . 6.86 2.84 -2.07
H62 GE1 B . 5.97 4.02 -3.01
HN11 GE1 B . 6.09 1.11 -3.55
HN12 GE1 B . 6.91 2.27 -4.35
C5 GE2 C . 0.27 1.48 -3.16
C GE2 C . -0.81 0.59 -3.82
C1 GE2 C . -1.77 0.02 -2.75
N1 GE2 C . -2.84 -0.77 -3.39
C2 GE2 C . -0.98 -0.84 -1.70
C3 GE2 C . 0.20 -0.04 -1.08
O32 GE2 C . 0.98 -0.95 -0.32
C4 GE2 C . 1.12 0.66 -2.13
N6 GE2 C . 1.13 2.09 -4.19
H5 GE2 C . -0.27 2.29 -2.64
H1A GE2 C . -1.38 1.15 -4.59
H2 GE2 C . -0.32 -0.21 -4.39
H1 GE2 C . -2.26 0.86 -2.22
HN11 GE2 C . -3.48 -1.16 -2.68
HN12 GE2 C . -2.45 -1.58 -3.87
H21 GE2 C . -0.55 -1.70 -2.25
H3 GE2 C . -0.21 0.73 -0.40
HOW GE2 C . 0.38 -1.33 0.32
H41 GE2 C . 1.70 -0.11 -2.68
HN61 GE2 C . 1.61 1.36 -4.73
HN62 GE2 C . 0.56 2.62 -4.86
C5 GE3 D . -0.50 -2.76 1.66
C4 GE3 D . -1.64 -3.26 2.58
O4 GE3 D . -1.56 -4.69 2.60
C3 GE3 D . -3.04 -2.78 2.02
C2 GE3 D . -3.20 -3.02 0.47
C1 GE3 D . -1.94 -2.68 -0.35
O1 GE3 D . -1.85 -1.25 -0.61
O5 GE3 D . -0.73 -3.19 0.29
O2 GE3 D . -4.29 -2.29 -0.04
N1 GE3 D . -4.12 -3.45 2.79
C31 GE3 D . -5.46 -2.81 2.75
C41 GE3 D . -1.35 -2.77 4.02
H51 GE3 D . -0.42 -1.65 1.71
H52 GE3 D . 0.48 -3.15 2.00
HO4 GE3 D . -2.25 -4.99 3.20
H3 GE3 D . -3.09 -1.69 2.19
H2 GE3 D . -3.41 -4.09 0.31
H1 GE3 D . -2.01 -3.19 -1.33
HO2 GE3 D . -5.06 -2.57 0.46
HN1 GE3 D . -3.83 -3.54 3.77
H311 GE3 D . -5.41 -1.74 3.02
H312 GE3 D . -5.93 -2.91 1.76
H313 GE3 D . -6.13 -3.31 3.48
H411 GE3 D . -2.09 -3.16 4.74
H412 GE3 D . -0.36 -3.08 4.39
H413 GE3 D . -1.39 -1.66 4.10
C5 GE1 B . 4.33 3.28 -2.10
O GE1 B . 4.08 1.85 -2.29
C1 GE1 B . 3.17 1.22 -1.33
O1 GE1 B . 1.83 1.74 -1.54
C2 GE1 B . 3.67 1.44 0.13
N2 GE1 B . 2.77 0.89 1.15
C3 GE1 B . 3.96 2.94 0.40
C4 GE1 B . 4.88 3.56 -0.67
C6 GE1 B . 5.24 3.87 -3.19
N1 GE1 B . 6.40 3.03 -3.54
H5 GE1 B . 3.37 3.82 -2.19
H1 GE1 B . 3.19 0.13 -1.52
H2 GE1 B . 4.64 0.90 0.21
HN21 GE1 B . 3.16 1.05 2.08
HN22 GE1 B . 1.88 1.39 1.13
H31 GE1 B . 3.01 3.51 0.44
H32 GE1 B . 4.42 3.07 1.40
H41 GE1 B . 4.99 4.64 -0.50
H42 GE1 B . 5.89 3.12 -0.58
H61 GE1 B . 4.64 4.05 -4.11
H62 GE1 B . 5.59 4.87 -2.90
HN11 GE1 B . 6.92 3.47 -4.31
HN12 GE1 B . 6.08 2.13 -3.92
C5 GE2 C . -0.11 1.72 -3.10
C GE2 C . -1.18 0.82 -3.76
C1 GE2 C . -2.00 0.08 -2.65
N1 GE2 C . -3.06 -0.73 -3.27
C2 GE2 C . -1.06 -0.80 -1.77
C3 GE2 C . 0.15 -0.01 -1.22
O32 GE2 C . 1.08 -0.95 -0.67
C4 GE2 C . 0.89 0.88 -2.25
N6 GE2 C . 0.59 2.51 -4.13
H5 GE2 C . -0.64 2.43 -2.44
H1A GE2 C . -1.85 1.39 -4.41
H2 GE2 C . -0.70 0.10 -4.45
H1 GE2 C . -2.48 0.83 -2.02
HN11 GE2 C . -3.65 -1.17 -2.55
HN12 GE2 C . -3.70 -0.13 -3.80
H21 GE2 C . -0.67 -1.62 -2.40
H3 GE2 C . -0.20 0.65 -0.39
HOW GE2 C . 1.37 -1.49 -1.40
H41 GE2 C . 1.44 0.22 -2.96
HN61 GE2 C . 1.06 1.88 -4.79
HN62 GE2 C . -0.08 3.05 -4.68
C5 GE3 D . -0.25 -2.73 1.55
C4 GE3 D . -1.31 -3.30 2.53
O4 GE3 D . -1.16 -4.72 2.54
C3 GE3 D . -2.76 -2.91 2.02
C2 GE3 D . -2.97 -3.17 0.49
C1 GE3 D . -1.77 -2.73 -0.39
O1 GE3 D . -1.80 -1.30 -0.62
O5 GE3 D . -0.51 -3.17 0.19
O2 GE3 D . -4.15 -2.52 0.00
N1 GE3 D . -3.78 -3.62 2.84
C31 GE3 D . -5.12 -2.99 2.93
C41 GE3 D . -1.00 -2.79 3.95
H51 GE3 D . 0.76 -3.07 1.84
H52 GE3 D . -0.22 -1.63 1.59
HO4 GE3 D . -0.25 -4.88 2.83
H3 GE3 D . -2.86 -1.81 2.18
H2 GE3 D . -3.12 -4.25 0.33
H1 GE3 D . -1.86 -3.24 -1.36
HO2 GE3 D . -4.22 -2.76 -0.92
HN1 GE3 D . -3.41 -3.75 3.78
H311 GE3 D . -5.64 -3.00 1.96
H312 GE3 D . -5.05 -1.95 3.29
H313 GE3 D . -5.75 -3.56 3.64
H411 GE3 D . -1.69 -3.22 4.71
H412 GE3 D . -1.09 -1.69 4.03
H413 GE3 D . 0.02 -3.06 4.27
C5 GE1 B . 4.74 2.59 -1.93
O GE1 B . 4.21 1.29 -1.56
C1 GE1 B . 3.13 1.25 -0.59
O1 GE1 B . 1.92 1.84 -1.16
C2 GE1 B . 3.57 1.97 0.72
N2 GE1 B . 2.49 2.02 1.73
C3 GE1 B . 4.12 3.39 0.43
C4 GE1 B . 5.21 3.35 -0.66
C6 GE1 B . 5.86 2.32 -2.95
N1 GE1 B . 6.44 3.53 -3.54
H5 GE1 B . 3.95 3.19 -2.41
H1 GE1 B . 2.95 0.18 -0.35
H2 GE1 B . 4.39 1.38 1.16
HN21 GE1 B . 1.68 2.54 1.35
HN22 GE1 B . 2.14 1.07 1.92
H31 GE1 B . 3.29 4.06 0.10
H32 GE1 B . 4.52 3.85 1.34
H41 GE1 B . 6.11 2.87 -0.24
H42 GE1 B . 5.51 4.39 -0.91
H61 GE1 B . 5.46 1.68 -3.76
H62 GE1 B . 6.65 1.72 -2.48
HN11 GE1 B . 5.70 4.08 -3.99
HN12 GE1 B . 6.82 4.13 -2.80
C5 GE2 C . 0.25 1.68 -2.99
C GE2 C . -0.82 0.78 -3.65
C1 GE2 C . -1.83 0.24 -2.60
N1 GE2 C . -2.85 -0.60 -3.26
C2 GE2 C . -1.10 -0.52 -1.46
C3 GE2 C . -0.01 0.38 -0.81
O32 GE2 C . 0.69 -0.40 0.15
C4 GE2 C . 1.00 0.94 -1.85
N6 GE2 C . 1.20 2.18 -4.00
H5 GE2 C . -0.30 2.55 -2.58
H1A GE2 C . -1.34 1.31 -4.46
H2 GE2 C . -0.32 -0.05 -4.18
H1 GE2 C . -2.37 1.11 -2.15
HN11 GE2 C . -2.39 -1.39 -3.72
HN12 GE2 C . -3.31 -0.07 -4.01
H21 GE2 C . -0.58 -1.39 -1.92
H3 GE2 C . -0.51 1.21 -0.28
HOW GE2 C . 1.33 0.19 0.55
H41 GE2 C . 1.56 0.10 -2.29
HN61 GE2 C . 1.86 2.85 -3.57
HN62 GE2 C . 0.71 2.72 -4.72
C5 GE3 D . -0.71 -2.51 1.87
C4 GE3 D . -1.84 -3.04 2.76
O4 GE3 D . -1.75 -4.45 2.76
C3 GE3 D . -3.23 -2.56 2.18
C2 GE3 D . -3.37 -2.76 0.63
C1 GE3 D . -2.10 -2.38 -0.17
O1 GE3 D . -2.01 -0.94 -0.41
O5 GE3 D . -0.90 -2.89 0.48
O2 GE3 D . -4.47 -2.02 0.12
N1 GE3 D . -4.34 -3.25 2.92
C31 GE3 D . -5.69 -2.65 2.86
C41 GE3 D . -1.60 -2.56 4.22
H51 GE3 D . -0.63 -1.41 1.95
H52 GE3 D . 0.28 -2.90 2.21
HO4 GE3 D . -2.45 -4.77 3.35
H3 GE3 D . -3.31 -1.47 2.38
H2 GE3 D . -3.58 -3.82 0.44
H1 GE3 D . -2.17 -2.88 -1.15
HO2 GE3 D . -4.51 -2.23 -0.82
HN1 GE3 D . -4.38 -4.24 2.65
H311 GE3 D . -5.66 -1.57 3.10
H312 GE3 D . -6.35 -3.14 3.60
H313 GE3 D . -6.15 -2.78 1.87
H411 GE3 D . -0.60 -2.88 4.59
H412 GE3 D . -2.34 -2.97 4.92
H413 GE3 D . -1.64 -1.45 4.30
#